data_6DGS
#
_entry.id   6DGS
#
_cell.length_a   140.651
_cell.length_b   140.651
_cell.length_c   68.001
_cell.angle_alpha   90.000
_cell.angle_beta   90.000
_cell.angle_gamma   120.000
#
_symmetry.space_group_name_H-M   'P 61'
#
loop_
_entity.id
_entity.type
_entity.pdbx_description
1 polymer 'Dihydroorotate dehydrogenase (fumarate)'
2 non-polymer 'FLAVIN MONONUCLEOTIDE'
3 non-polymer GLYCEROL
4 non-polymer 'SULFATE ION'
5 water water
#
_entity_poly.entity_id   1
_entity_poly.type   'polypeptide(L)'
_entity_poly.pdbx_seq_one_letter_code
;MGSSHHHHHHSSGLVPAGSHMASMTGGQQMGRGSMSLQVNLLNNTFANPFMNAAGVMCTTTEELVAMTESASGSLVSKSC
TPALREGNPTPRYQALPLGSINSMGLPNNGFDFYLAYAAEQHDYGKKPLFLSMSGLSMRENVEMCKRLAAVATEKGVILE
LNLSCPNVPGKPQVAADFDAMRQ(CSX)LTAVSEVYPHSFGVKMPPYFDFAHFDAAAEILNEFPKVQFITCINSIGNGLV
IDAETESVVIKPKQGFGGLGGRYVLPTALANINAFYRRCPGKLIFGCGGVYTGEDAFLHVLAGASMVQVGTALQEEGPSI
FERLTSELLGVMAKKRYQTLDEFRGKVRTLDGTAESTR
;
_entity_poly.pdbx_strand_id   A,B
#
loop_
_chem_comp.id
_chem_comp.type
_chem_comp.name
_chem_comp.formula
FMN non-polymer 'FLAVIN MONONUCLEOTIDE' 'C17 H21 N4 O9 P'
GOL non-polymer GLYCEROL 'C3 H8 O3'
SO4 non-polymer 'SULFATE ION' 'O4 S -2'
#
# COMPACT_ATOMS: atom_id res chain seq x y z
N GLY A 33 -20.86 2.88 -32.61
CA GLY A 33 -21.16 4.36 -32.65
C GLY A 33 -20.01 5.29 -32.33
N SER A 34 -20.32 6.58 -32.21
CA SER A 34 -19.33 7.59 -31.89
C SER A 34 -18.85 7.46 -30.45
N MET A 35 -17.54 7.45 -30.27
CA MET A 35 -16.97 7.30 -28.94
C MET A 35 -16.07 8.47 -28.70
N SER A 36 -16.00 8.91 -27.46
CA SER A 36 -15.15 10.02 -27.19
C SER A 36 -14.55 9.84 -25.84
N LEU A 37 -13.28 10.15 -25.75
CA LEU A 37 -12.59 10.12 -24.49
C LEU A 37 -12.54 11.51 -23.93
N GLN A 38 -13.26 12.42 -24.57
CA GLN A 38 -13.18 13.80 -24.17
C GLN A 38 -13.60 13.98 -22.73
N VAL A 39 -12.96 14.93 -22.08
CA VAL A 39 -13.25 15.24 -20.71
C VAL A 39 -13.37 16.73 -20.66
N ASN A 40 -14.43 17.22 -20.03
CA ASN A 40 -14.56 18.63 -19.84
C ASN A 40 -14.53 18.91 -18.36
N LEU A 41 -13.55 19.69 -17.93
CA LEU A 41 -13.47 20.06 -16.54
C LEU A 41 -12.53 21.22 -16.43
N LEU A 42 -12.68 21.96 -15.34
CA LEU A 42 -11.82 23.08 -15.04
C LEU A 42 -11.79 24.03 -16.22
N ASN A 43 -12.94 24.17 -16.87
CA ASN A 43 -13.09 25.15 -17.95
C ASN A 43 -12.18 24.81 -19.09
N ASN A 44 -11.89 23.51 -19.22
CA ASN A 44 -11.06 23.03 -20.29
C ASN A 44 -11.69 21.85 -20.91
N THR A 45 -11.25 21.58 -22.12
CA THR A 45 -11.64 20.42 -22.81
C THR A 45 -10.39 19.62 -23.01
N PHE A 46 -10.47 18.36 -22.65
CA PHE A 46 -9.37 17.45 -22.82
C PHE A 46 -9.78 16.44 -23.83
N ALA A 47 -8.88 16.08 -24.72
CA ALA A 47 -9.23 15.15 -25.78
C ALA A 47 -9.42 13.77 -25.21
N ASN A 48 -8.70 13.50 -24.13
CA ASN A 48 -8.83 12.24 -23.47
C ASN A 48 -8.33 12.48 -22.04
N PRO A 49 -8.65 11.55 -21.13
CA PRO A 49 -8.38 11.80 -19.74
C PRO A 49 -6.92 11.57 -19.38
N PHE A 50 -6.12 11.09 -20.31
CA PHE A 50 -4.79 10.66 -19.97
C PHE A 50 -3.85 11.80 -19.82
N MET A 51 -2.98 11.68 -18.83
CA MET A 51 -1.90 12.63 -18.74
C MET A 51 -0.81 11.90 -17.99
N ASN A 52 0.39 12.47 -17.97
CA ASN A 52 1.42 11.84 -17.19
C ASN A 52 1.06 12.07 -15.72
N ALA A 53 1.60 11.21 -14.87
CA ALA A 53 1.63 11.46 -13.44
C ALA A 53 2.72 12.47 -13.19
N ALA A 54 2.51 13.34 -12.23
CA ALA A 54 3.49 14.33 -11.91
C ALA A 54 4.78 13.62 -11.57
N GLY A 55 5.86 14.15 -12.13
CA GLY A 55 7.19 13.62 -11.86
C GLY A 55 7.65 12.69 -12.94
N VAL A 56 6.74 12.17 -13.73
CA VAL A 56 7.13 11.22 -14.74
C VAL A 56 7.15 11.91 -16.08
N MET A 57 8.30 11.89 -16.73
N MET A 57 8.31 11.90 -16.72
CA MET A 57 8.47 12.47 -18.06
CA MET A 57 8.48 12.46 -18.05
C MET A 57 7.95 13.89 -18.17
C MET A 57 7.97 13.89 -18.18
N CYS A 58 8.31 14.73 -17.21
CA CYS A 58 7.77 16.08 -17.19
C CYS A 58 8.68 17.03 -16.47
N THR A 59 9.97 16.73 -16.47
CA THR A 59 10.89 17.55 -15.71
C THR A 59 11.58 18.55 -16.61
N THR A 60 11.95 18.09 -17.79
CA THR A 60 12.76 18.92 -18.69
C THR A 60 11.87 19.49 -19.76
N THR A 61 12.35 20.53 -20.42
CA THR A 61 11.63 21.07 -21.55
C THR A 61 11.31 19.95 -22.51
N GLU A 62 12.30 19.13 -22.83
CA GLU A 62 12.11 18.09 -23.81
C GLU A 62 10.96 17.17 -23.39
N GLU A 63 10.93 16.82 -22.11
CA GLU A 63 9.87 15.95 -21.65
C GLU A 63 8.53 16.63 -21.72
N LEU A 64 8.50 17.89 -21.31
CA LEU A 64 7.27 18.65 -21.35
C LEU A 64 6.78 18.79 -22.77
N VAL A 65 7.69 19.15 -23.67
CA VAL A 65 7.38 19.16 -25.08
C VAL A 65 6.88 17.82 -25.56
N ALA A 66 7.57 16.74 -25.20
CA ALA A 66 7.16 15.42 -25.64
C ALA A 66 5.76 15.09 -25.11
N MET A 67 5.48 15.47 -23.88
CA MET A 67 4.19 15.17 -23.30
C MET A 67 3.15 15.96 -24.07
N THR A 68 3.48 17.20 -24.37
CA THR A 68 2.56 18.05 -25.10
C THR A 68 2.29 17.48 -26.49
N GLU A 69 3.33 16.95 -27.11
N GLU A 69 3.34 16.95 -27.12
CA GLU A 69 3.23 16.39 -28.46
CA GLU A 69 3.23 16.40 -28.46
C GLU A 69 2.55 15.04 -28.44
C GLU A 69 2.58 15.03 -28.45
N SER A 70 2.55 14.40 -27.28
CA SER A 70 2.00 13.07 -27.18
C SER A 70 0.49 13.12 -27.39
N ALA A 71 -0.09 11.94 -27.48
CA ALA A 71 -1.55 11.81 -27.57
C ALA A 71 -2.26 12.05 -26.24
N SER A 72 -1.54 12.36 -25.17
CA SER A 72 -2.19 12.52 -23.89
C SER A 72 -3.15 13.69 -23.93
N GLY A 73 -4.21 13.62 -23.12
CA GLY A 73 -5.13 14.72 -23.01
C GLY A 73 -4.56 15.90 -22.29
N SER A 74 -3.58 15.65 -21.43
CA SER A 74 -2.97 16.74 -20.72
C SER A 74 -1.60 16.31 -20.25
N LEU A 75 -1.01 17.17 -19.42
CA LEU A 75 0.26 16.85 -18.83
C LEU A 75 0.40 17.68 -17.60
N VAL A 76 1.30 17.26 -16.75
CA VAL A 76 1.52 18.00 -15.55
C VAL A 76 3.02 18.05 -15.44
N SER A 77 3.52 19.22 -15.12
CA SER A 77 4.94 19.39 -15.01
C SER A 77 5.40 18.78 -13.70
N LYS A 78 6.67 18.41 -13.66
CA LYS A 78 7.26 17.84 -12.47
C LYS A 78 7.01 18.71 -11.26
N SER A 79 6.66 18.10 -10.14
CA SER A 79 6.49 18.85 -8.91
C SER A 79 7.69 19.69 -8.64
N CYS A 80 7.46 20.97 -8.46
CA CYS A 80 8.60 21.87 -8.42
C CYS A 80 8.79 22.42 -7.05
N THR A 81 10.00 22.84 -6.79
CA THR A 81 10.29 23.57 -5.59
C THR A 81 10.75 24.92 -6.07
N PRO A 82 10.91 25.87 -5.16
CA PRO A 82 11.20 27.24 -5.58
C PRO A 82 12.47 27.26 -6.42
N ALA A 83 13.46 26.48 -6.03
CA ALA A 83 14.67 26.42 -6.79
C ALA A 83 14.87 25.01 -7.28
N LEU A 84 15.71 24.87 -8.30
CA LEU A 84 16.05 23.56 -8.78
C LEU A 84 16.61 22.68 -7.68
N ARG A 85 16.36 21.40 -7.82
CA ARG A 85 16.89 20.44 -6.90
C ARG A 85 17.49 19.36 -7.75
N GLU A 86 18.64 18.88 -7.34
N GLU A 86 18.65 18.87 -7.36
CA GLU A 86 19.29 17.78 -8.02
CA GLU A 86 19.26 17.76 -8.08
C GLU A 86 18.54 16.48 -7.75
C GLU A 86 18.55 16.45 -7.74
N GLY A 87 17.88 16.43 -6.60
CA GLY A 87 17.22 15.20 -6.15
C GLY A 87 18.23 14.26 -5.53
N ASN A 88 17.80 13.03 -5.33
CA ASN A 88 18.58 12.06 -4.57
C ASN A 88 19.63 11.39 -5.41
N PRO A 89 20.60 10.77 -4.76
CA PRO A 89 21.60 10.01 -5.50
C PRO A 89 20.95 8.85 -6.23
N THR A 90 21.53 8.46 -7.34
CA THR A 90 21.01 7.34 -8.09
C THR A 90 21.70 6.06 -7.63
N PRO A 91 21.07 4.90 -7.87
CA PRO A 91 19.77 4.81 -8.53
C PRO A 91 18.67 5.23 -7.57
N ARG A 92 17.69 5.94 -8.12
CA ARG A 92 16.63 6.45 -7.28
C ARG A 92 15.30 6.08 -7.88
N TYR A 93 15.34 5.33 -8.96
CA TYR A 93 14.14 4.82 -9.55
C TYR A 93 14.48 3.46 -10.04
N GLN A 94 13.58 2.52 -9.84
CA GLN A 94 13.79 1.23 -10.41
C GLN A 94 12.45 0.71 -10.92
N ALA A 95 12.40 0.36 -12.19
CA ALA A 95 11.21 -0.27 -12.73
C ALA A 95 11.22 -1.70 -12.24
N LEU A 96 10.04 -2.23 -11.99
CA LEU A 96 9.93 -3.56 -11.43
C LEU A 96 8.87 -4.27 -12.21
N PRO A 97 8.87 -5.59 -12.10
CA PRO A 97 7.84 -6.34 -12.79
C PRO A 97 6.45 -5.85 -12.44
N LEU A 98 6.23 -5.52 -11.17
CA LEU A 98 4.91 -5.09 -10.73
C LEU A 98 4.79 -3.62 -10.55
N GLY A 99 5.77 -2.85 -11.01
CA GLY A 99 5.59 -1.43 -10.86
C GLY A 99 6.91 -0.72 -10.85
N SER A 100 7.09 0.11 -9.84
CA SER A 100 8.33 0.83 -9.73
C SER A 100 8.50 1.20 -8.30
N ILE A 101 9.73 1.53 -7.97
CA ILE A 101 9.98 2.11 -6.69
C ILE A 101 10.88 3.28 -6.96
N ASN A 102 10.69 4.34 -6.20
CA ASN A 102 11.56 5.47 -6.45
C ASN A 102 11.70 6.24 -5.20
N SER A 103 12.81 6.95 -5.17
CA SER A 103 12.96 7.97 -4.17
C SER A 103 13.71 9.06 -4.89
N MET A 104 13.04 9.71 -5.82
CA MET A 104 13.72 10.66 -6.67
C MET A 104 14.30 11.82 -5.88
N GLY A 105 13.59 12.24 -4.84
CA GLY A 105 14.02 13.36 -4.02
C GLY A 105 13.68 14.69 -4.66
N LEU A 106 12.62 14.70 -5.47
CA LEU A 106 12.14 15.93 -6.08
C LEU A 106 13.19 16.66 -6.94
N PRO A 107 13.88 15.93 -7.82
CA PRO A 107 14.77 16.62 -8.77
C PRO A 107 13.87 17.39 -9.68
N ASN A 108 14.10 18.68 -9.83
CA ASN A 108 13.23 19.45 -10.67
C ASN A 108 13.95 20.72 -10.97
N ASN A 109 13.52 21.36 -12.03
CA ASN A 109 14.23 22.50 -12.57
C ASN A 109 13.90 23.75 -11.81
N GLY A 110 13.07 23.61 -10.79
CA GLY A 110 12.69 24.75 -9.98
C GLY A 110 11.49 25.46 -10.55
N PHE A 111 10.76 26.11 -9.68
CA PHE A 111 9.54 26.78 -10.04
C PHE A 111 9.63 27.75 -11.23
N ASP A 112 10.64 28.61 -11.27
CA ASP A 112 10.71 29.56 -12.36
C ASP A 112 10.63 28.83 -13.67
N PHE A 113 11.28 27.69 -13.73
CA PHE A 113 11.40 26.97 -14.96
C PHE A 113 10.03 26.48 -15.42
N TYR A 114 9.28 25.89 -14.49
CA TYR A 114 7.97 25.36 -14.87
C TYR A 114 7.02 26.50 -15.11
N LEU A 115 7.18 27.56 -14.33
CA LEU A 115 6.34 28.73 -14.50
C LEU A 115 6.57 29.28 -15.90
N ALA A 116 7.84 29.39 -16.27
CA ALA A 116 8.19 29.90 -17.60
C ALA A 116 7.66 28.99 -18.66
N TYR A 117 7.72 27.68 -18.42
CA TYR A 117 7.19 26.78 -19.39
C TYR A 117 5.69 27.07 -19.56
N ALA A 118 4.98 27.20 -18.44
CA ALA A 118 3.54 27.43 -18.45
C ALA A 118 3.26 28.77 -19.11
N ALA A 119 4.07 29.76 -18.76
CA ALA A 119 3.83 31.14 -19.18
C ALA A 119 4.15 31.37 -20.64
N GLU A 120 5.20 30.72 -21.13
CA GLU A 120 5.76 31.16 -22.39
C GLU A 120 5.95 30.08 -23.41
N GLN A 121 6.02 28.83 -22.98
CA GLN A 121 6.35 27.81 -23.94
C GLN A 121 5.23 26.87 -24.26
N HIS A 122 4.43 26.55 -23.25
CA HIS A 122 3.47 25.51 -23.46
C HIS A 122 2.47 25.89 -24.52
N ASP A 123 2.16 24.96 -25.40
CA ASP A 123 1.14 25.18 -26.40
C ASP A 123 -0.22 24.76 -25.86
N TYR A 124 -0.95 25.73 -25.33
CA TYR A 124 -2.25 25.45 -24.73
C TYR A 124 -3.25 25.09 -25.80
N GLY A 125 -2.92 25.44 -27.06
CA GLY A 125 -3.72 25.00 -28.18
C GLY A 125 -3.66 23.49 -28.33
N LYS A 126 -2.57 22.88 -27.87
CA LYS A 126 -2.47 21.44 -27.98
C LYS A 126 -3.22 20.73 -26.86
N LYS A 127 -3.04 21.20 -25.62
CA LYS A 127 -3.69 20.60 -24.47
C LYS A 127 -3.45 21.44 -23.26
N PRO A 128 -4.34 21.32 -22.26
CA PRO A 128 -4.15 22.06 -21.05
C PRO A 128 -2.94 21.52 -20.30
N LEU A 129 -2.42 22.37 -19.43
CA LEU A 129 -1.21 22.08 -18.72
C LEU A 129 -1.51 22.20 -17.26
N PHE A 130 -1.07 21.21 -16.51
CA PHE A 130 -1.06 21.30 -15.08
C PHE A 130 0.36 21.50 -14.66
N LEU A 131 0.53 22.22 -13.58
CA LEU A 131 1.81 22.47 -13.03
C LEU A 131 1.76 21.91 -11.64
N SER A 132 2.58 20.93 -11.35
CA SER A 132 2.61 20.39 -10.04
C SER A 132 3.57 21.17 -9.18
N MET A 133 3.14 21.43 -7.99
CA MET A 133 3.92 22.22 -7.10
C MET A 133 4.16 21.44 -5.87
N SER A 134 5.42 21.39 -5.45
CA SER A 134 5.70 20.68 -4.22
C SER A 134 6.72 21.43 -3.39
N GLY A 135 6.34 22.62 -2.95
CA GLY A 135 7.19 23.39 -2.07
C GLY A 135 7.47 22.58 -0.84
N LEU A 136 8.63 22.82 -0.24
CA LEU A 136 9.07 22.03 0.91
C LEU A 136 8.54 22.63 2.19
N SER A 137 7.80 23.72 2.06
CA SER A 137 7.14 24.27 3.23
C SER A 137 5.93 25.00 2.73
N MET A 138 5.00 25.26 3.63
CA MET A 138 3.88 26.11 3.32
C MET A 138 4.34 27.40 2.66
N ARG A 139 5.37 28.03 3.22
CA ARG A 139 5.82 29.33 2.73
C ARG A 139 6.22 29.20 1.27
N GLU A 140 6.92 28.12 0.95
CA GLU A 140 7.36 27.94 -0.40
C GLU A 140 6.17 27.83 -1.33
N ASN A 141 5.17 27.06 -0.91
CA ASN A 141 3.99 26.94 -1.74
C ASN A 141 3.28 28.25 -1.88
N VAL A 142 3.23 29.02 -0.80
CA VAL A 142 2.53 30.28 -0.87
C VAL A 142 3.26 31.19 -1.83
N GLU A 143 4.58 31.27 -1.67
CA GLU A 143 5.36 32.12 -2.55
C GLU A 143 5.24 31.70 -4.00
N MET A 144 5.31 30.40 -4.28
CA MET A 144 5.12 30.00 -5.67
C MET A 144 3.70 30.26 -6.18
N CYS A 145 2.71 29.97 -5.35
CA CYS A 145 1.35 30.23 -5.78
C CYS A 145 1.11 31.70 -6.08
N LYS A 146 1.67 32.58 -5.27
CA LYS A 146 1.49 34.00 -5.54
C LYS A 146 1.95 34.32 -6.94
N ARG A 147 3.06 33.72 -7.36
CA ARG A 147 3.59 34.00 -8.69
C ARG A 147 2.86 33.20 -9.75
N LEU A 148 2.42 31.99 -9.40
CA LEU A 148 1.68 31.20 -10.36
C LEU A 148 0.36 31.87 -10.73
N ALA A 149 -0.23 32.57 -9.76
CA ALA A 149 -1.55 33.16 -9.95
C ALA A 149 -1.67 33.85 -11.31
N ALA A 150 -0.75 34.75 -11.63
CA ALA A 150 -0.93 35.54 -12.85
C ALA A 150 -0.82 34.66 -14.07
N VAL A 151 0.06 33.67 -14.01
CA VAL A 151 0.24 32.81 -15.16
C VAL A 151 -0.99 31.92 -15.36
N ALA A 152 -1.55 31.43 -14.25
CA ALA A 152 -2.76 30.64 -14.33
C ALA A 152 -3.83 31.52 -14.95
N THR A 153 -3.96 32.73 -14.42
CA THR A 153 -4.93 33.69 -14.96
C THR A 153 -4.70 33.92 -16.44
N GLU A 154 -3.47 34.22 -16.82
CA GLU A 154 -3.20 34.60 -18.21
C GLU A 154 -3.17 33.42 -19.18
N LYS A 155 -2.67 32.28 -18.74
CA LYS A 155 -2.38 31.19 -19.68
C LYS A 155 -3.28 29.96 -19.49
N GLY A 156 -3.81 29.84 -18.28
CA GLY A 156 -4.73 28.75 -17.97
C GLY A 156 -4.06 27.53 -17.40
N VAL A 157 -2.76 27.63 -17.12
CA VAL A 157 -2.09 26.52 -16.42
C VAL A 157 -2.86 26.25 -15.12
N ILE A 158 -2.95 24.98 -14.75
CA ILE A 158 -3.76 24.61 -13.60
C ILE A 158 -2.82 23.99 -12.60
N LEU A 159 -2.89 24.46 -11.37
CA LEU A 159 -2.05 23.97 -10.31
C LEU A 159 -2.49 22.60 -9.81
N GLU A 160 -1.55 21.66 -9.73
CA GLU A 160 -1.79 20.45 -8.96
C GLU A 160 -0.82 20.57 -7.82
N LEU A 161 -1.36 20.81 -6.65
CA LEU A 161 -0.59 21.06 -5.47
C LEU A 161 -0.31 19.72 -4.81
N ASN A 162 0.96 19.41 -4.70
CA ASN A 162 1.35 18.13 -4.18
C ASN A 162 1.25 18.16 -2.66
N LEU A 163 0.28 17.45 -2.11
CA LEU A 163 0.06 17.44 -0.67
C LEU A 163 0.67 16.19 -0.05
N SER A 164 1.37 15.41 -0.85
CA SER A 164 1.86 14.08 -0.45
C SER A 164 3.19 14.16 0.29
N ASP A 177 0.02 14.49 7.63
CA ASP A 177 -0.61 15.22 8.72
C ASP A 177 -1.76 16.11 8.24
N PHE A 178 -2.94 15.92 8.81
CA PHE A 178 -4.08 16.62 8.29
C PHE A 178 -4.10 18.07 8.65
N ASP A 179 -3.53 18.42 9.78
CA ASP A 179 -3.47 19.82 10.13
C ASP A 179 -2.55 20.53 9.15
N ALA A 180 -1.43 19.90 8.83
CA ALA A 180 -0.50 20.49 7.86
C ALA A 180 -1.24 20.67 6.55
N MET A 181 -2.03 19.67 6.19
CA MET A 181 -2.78 19.74 4.96
C MET A 181 -3.74 20.91 5.03
N ARG A 182 -4.49 21.01 6.12
CA ARG A 182 -5.42 22.11 6.21
C ARG A 182 -4.67 23.42 6.13
N GLN A 183 -3.55 23.50 6.81
CA GLN A 183 -2.79 24.75 6.85
C GLN A 183 -2.32 25.10 5.44
N CSX A 184 -1.81 24.10 4.71
CA CSX A 184 -1.34 24.33 3.34
CB CSX A 184 -0.81 23.00 2.82
SG CSX A 184 -0.35 23.25 1.20
C CSX A 184 -2.46 24.85 2.47
O CSX A 184 -2.31 25.83 1.74
OD CSX A 184 1.00 23.88 1.27
N LEU A 185 -3.60 24.18 2.51
CA LEU A 185 -4.72 24.56 1.67
C LEU A 185 -5.25 25.93 2.03
N THR A 186 -5.31 26.20 3.33
CA THR A 186 -5.72 27.52 3.78
C THR A 186 -4.78 28.55 3.19
N ALA A 187 -3.49 28.33 3.35
CA ALA A 187 -2.52 29.31 2.91
C ALA A 187 -2.61 29.47 1.41
N VAL A 188 -2.64 28.34 0.71
CA VAL A 188 -2.71 28.41 -0.76
C VAL A 188 -4.03 29.04 -1.19
N SER A 189 -5.11 28.67 -0.52
CA SER A 189 -6.41 29.29 -0.84
C SER A 189 -6.39 30.78 -0.57
N GLU A 190 -5.74 31.20 0.52
CA GLU A 190 -5.64 32.63 0.79
C GLU A 190 -4.99 33.35 -0.38
N VAL A 191 -3.88 32.81 -0.86
CA VAL A 191 -3.07 33.60 -1.79
C VAL A 191 -3.29 33.25 -3.23
N TYR A 192 -4.00 32.16 -3.50
CA TYR A 192 -4.08 31.68 -4.88
C TYR A 192 -5.50 31.81 -5.40
N PRO A 193 -5.72 32.74 -6.33
CA PRO A 193 -7.07 33.13 -6.72
C PRO A 193 -7.62 32.25 -7.82
N HIS A 194 -7.39 30.93 -7.73
CA HIS A 194 -7.89 30.04 -8.77
C HIS A 194 -8.25 28.72 -8.14
N SER A 195 -9.02 27.95 -8.87
CA SER A 195 -9.23 26.58 -8.50
CA SER A 195 -9.24 26.57 -8.51
C SER A 195 -7.91 25.87 -8.72
N PHE A 196 -7.70 24.80 -7.97
CA PHE A 196 -6.53 24.01 -8.18
C PHE A 196 -6.88 22.62 -7.72
N GLY A 197 -5.89 21.74 -7.79
CA GLY A 197 -6.12 20.39 -7.39
C GLY A 197 -5.04 19.98 -6.46
N VAL A 198 -5.21 18.84 -5.84
CA VAL A 198 -4.25 18.44 -4.87
C VAL A 198 -3.90 17.01 -5.19
N LYS A 199 -2.62 16.73 -5.12
CA LYS A 199 -2.13 15.38 -5.29
C LYS A 199 -2.04 14.75 -3.91
N MET A 200 -2.78 13.67 -3.72
CA MET A 200 -2.92 13.11 -2.39
C MET A 200 -2.08 11.85 -2.27
N PRO A 201 -1.51 11.65 -1.10
CA PRO A 201 -0.96 10.33 -0.83
C PRO A 201 -2.12 9.39 -0.68
N PRO A 202 -1.89 8.09 -0.91
CA PRO A 202 -2.95 7.12 -0.69
C PRO A 202 -3.27 7.03 0.79
N TYR A 203 -4.54 6.83 1.08
CA TYR A 203 -4.95 6.51 2.43
C TYR A 203 -5.46 5.09 2.41
N PHE A 204 -5.61 4.52 3.60
CA PHE A 204 -5.78 3.09 3.71
C PHE A 204 -6.88 2.76 4.67
N ASP A 205 -7.65 3.77 5.07
CA ASP A 205 -8.84 3.45 5.82
C ASP A 205 -9.82 4.58 5.76
N PHE A 206 -11.03 4.28 6.17
CA PHE A 206 -12.12 5.19 5.90
C PHE A 206 -11.98 6.39 6.81
N ALA A 207 -11.42 6.18 8.00
CA ALA A 207 -11.17 7.29 8.90
C ALA A 207 -10.29 8.32 8.20
N HIS A 208 -9.27 7.86 7.49
CA HIS A 208 -8.46 8.81 6.74
C HIS A 208 -9.16 9.33 5.52
N PHE A 209 -9.88 8.47 4.81
CA PHE A 209 -10.65 9.01 3.68
C PHE A 209 -11.56 10.12 4.17
N ASP A 210 -12.23 9.87 5.27
CA ASP A 210 -13.16 10.85 5.83
C ASP A 210 -12.46 12.10 6.27
N ALA A 211 -11.34 11.93 6.95
CA ALA A 211 -10.64 13.10 7.49
C ALA A 211 -10.12 13.93 6.34
N ALA A 212 -9.55 13.26 5.33
CA ALA A 212 -8.93 13.99 4.23
C ALA A 212 -10.03 14.65 3.42
N ALA A 213 -11.12 13.92 3.18
CA ALA A 213 -12.21 14.47 2.40
C ALA A 213 -12.76 15.66 3.12
N GLU A 214 -12.89 15.55 4.44
CA GLU A 214 -13.47 16.65 5.20
C GLU A 214 -12.65 17.89 5.00
N ILE A 215 -11.34 17.75 5.11
CA ILE A 215 -10.45 18.87 4.86
C ILE A 215 -10.59 19.39 3.46
N LEU A 216 -10.52 18.52 2.46
CA LEU A 216 -10.54 19.00 1.10
C LEU A 216 -11.85 19.71 0.83
N ASN A 217 -12.91 19.19 1.44
CA ASN A 217 -14.23 19.78 1.24
C ASN A 217 -14.37 21.17 1.81
N GLU A 218 -13.48 21.55 2.70
CA GLU A 218 -13.49 22.91 3.20
C GLU A 218 -12.96 23.90 2.20
N PHE A 219 -12.37 23.41 1.12
CA PHE A 219 -11.73 24.31 0.17
C PHE A 219 -12.35 24.25 -1.19
N PRO A 220 -13.27 25.18 -1.47
CA PRO A 220 -13.93 25.17 -2.76
C PRO A 220 -12.94 25.33 -3.90
N LYS A 221 -11.80 25.94 -3.63
CA LYS A 221 -10.82 26.07 -4.70
C LYS A 221 -10.20 24.74 -5.08
N VAL A 222 -10.19 23.78 -4.17
CA VAL A 222 -9.67 22.48 -4.51
C VAL A 222 -10.73 21.81 -5.34
N GLN A 223 -10.54 21.87 -6.64
CA GLN A 223 -11.53 21.34 -7.61
CA GLN A 223 -11.55 21.31 -7.56
C GLN A 223 -11.20 19.97 -8.19
N PHE A 224 -9.97 19.51 -8.02
CA PHE A 224 -9.70 18.13 -8.29
C PHE A 224 -8.75 17.62 -7.25
N ILE A 225 -8.83 16.32 -7.11
CA ILE A 225 -8.06 15.62 -6.15
C ILE A 225 -7.44 14.52 -6.94
N THR A 226 -6.13 14.47 -6.91
CA THR A 226 -5.47 13.43 -7.63
C THR A 226 -5.09 12.36 -6.68
N CYS A 227 -5.65 11.19 -6.92
CA CYS A 227 -5.41 10.02 -6.09
C CYS A 227 -4.85 8.98 -7.02
N ILE A 228 -3.61 8.55 -6.84
CA ILE A 228 -2.84 8.78 -5.67
C ILE A 228 -1.40 9.02 -6.01
N ASN A 229 -0.67 9.51 -5.02
CA ASN A 229 0.77 9.44 -5.10
C ASN A 229 1.20 8.03 -4.80
N SER A 230 2.51 7.80 -4.81
CA SER A 230 3.01 6.48 -4.53
C SER A 230 2.51 5.96 -3.22
N ILE A 231 2.49 4.64 -3.13
CA ILE A 231 2.41 4.02 -1.83
C ILE A 231 3.79 4.20 -1.18
N GLY A 232 3.82 4.86 -0.03
CA GLY A 232 5.07 5.34 0.53
C GLY A 232 5.98 4.24 1.01
N ASN A 233 7.27 4.44 0.79
CA ASN A 233 8.27 3.69 1.54
C ASN A 233 8.08 2.20 1.54
N GLY A 234 7.86 1.68 0.36
CA GLY A 234 8.01 0.25 0.16
C GLY A 234 9.50 0.01 0.13
N LEU A 235 9.86 -1.26 0.16
CA LEU A 235 11.26 -1.61 0.12
C LEU A 235 11.35 -2.76 -0.82
N VAL A 236 12.02 -2.53 -1.92
CA VAL A 236 12.22 -3.58 -2.89
C VAL A 236 13.56 -4.16 -2.63
N ILE A 237 13.59 -5.47 -2.50
CA ILE A 237 14.83 -6.17 -2.33
C ILE A 237 15.00 -7.10 -3.49
N ASP A 238 16.18 -7.07 -4.07
CA ASP A 238 16.53 -7.89 -5.21
C ASP A 238 17.13 -9.16 -4.62
N ALA A 239 16.45 -10.27 -4.85
CA ALA A 239 16.86 -11.52 -4.22
C ALA A 239 18.21 -11.91 -4.79
N GLU A 240 18.47 -11.53 -6.02
CA GLU A 240 19.71 -11.91 -6.67
C GLU A 240 20.88 -11.22 -5.98
N THR A 241 20.74 -9.93 -5.80
CA THR A 241 21.84 -9.17 -5.24
C THR A 241 21.76 -9.05 -3.75
N GLU A 242 20.67 -9.55 -3.16
CA GLU A 242 20.45 -9.43 -1.72
C GLU A 242 20.55 -8.01 -1.28
N SER A 243 20.04 -7.13 -2.11
CA SER A 243 20.18 -5.76 -1.79
C SER A 243 18.94 -5.05 -2.16
N VAL A 244 18.84 -3.82 -1.68
CA VAL A 244 17.80 -2.94 -2.14
C VAL A 244 18.15 -2.46 -3.53
N VAL A 245 17.26 -1.73 -4.15
CA VAL A 245 17.44 -1.42 -5.56
C VAL A 245 17.52 0.06 -5.79
N ILE A 246 17.20 0.84 -4.77
CA ILE A 246 17.45 2.25 -4.91
C ILE A 246 18.33 2.68 -3.77
N LYS A 247 19.06 3.74 -4.02
CA LYS A 247 20.09 4.15 -3.10
C LYS A 247 19.64 4.97 -1.92
N PRO A 248 18.76 5.96 -2.14
CA PRO A 248 18.37 6.80 -1.02
C PRO A 248 17.60 6.03 -0.01
N LYS A 249 17.64 6.51 1.22
CA LYS A 249 16.73 6.02 2.26
CA LYS A 249 16.72 6.03 2.24
C LYS A 249 16.80 4.51 2.46
N GLN A 250 18.01 3.95 2.40
N GLN A 250 18.02 3.98 2.38
CA GLN A 250 18.21 2.52 2.65
CA GLN A 250 18.24 2.56 2.59
C GLN A 250 17.32 1.67 1.74
C GLN A 250 17.31 1.70 1.76
N GLY A 251 16.94 2.22 0.60
CA GLY A 251 16.24 1.45 -0.40
C GLY A 251 14.73 1.63 -0.34
N PHE A 252 14.26 2.41 0.62
CA PHE A 252 12.83 2.63 0.77
C PHE A 252 12.41 3.69 -0.21
N GLY A 253 11.28 3.49 -0.85
CA GLY A 253 10.86 4.47 -1.82
C GLY A 253 9.41 4.23 -2.13
N GLY A 254 8.83 5.18 -2.84
CA GLY A 254 7.43 5.14 -3.20
C GLY A 254 7.20 4.07 -4.24
N LEU A 255 6.13 3.31 -4.08
CA LEU A 255 5.79 2.29 -5.04
C LEU A 255 4.79 2.85 -6.00
N GLY A 256 4.95 2.49 -7.26
CA GLY A 256 3.96 2.87 -8.26
C GLY A 256 3.70 1.62 -9.04
N GLY A 257 2.77 1.72 -9.98
CA GLY A 257 2.58 0.67 -10.94
C GLY A 257 1.57 -0.34 -10.44
N ARG A 258 1.75 -1.60 -10.85
N ARG A 258 1.75 -1.59 -10.82
N ARG A 258 1.74 -1.59 -10.83
CA ARG A 258 0.78 -2.65 -10.59
CA ARG A 258 0.73 -2.60 -10.58
CA ARG A 258 0.71 -2.60 -10.58
C ARG A 258 0.48 -2.79 -9.11
C ARG A 258 0.48 -2.80 -9.10
C ARG A 258 0.49 -2.87 -9.10
N TYR A 259 1.51 -2.57 -8.29
CA TYR A 259 1.34 -2.65 -6.85
C TYR A 259 0.17 -1.82 -6.35
N VAL A 260 -0.05 -0.69 -6.98
CA VAL A 260 -0.85 0.34 -6.34
C VAL A 260 -2.24 0.49 -6.90
N LEU A 261 -2.58 -0.31 -7.89
CA LEU A 261 -3.83 -0.05 -8.54
C LEU A 261 -5.03 -0.14 -7.59
N PRO A 262 -5.14 -1.20 -6.79
CA PRO A 262 -6.32 -1.26 -5.92
C PRO A 262 -6.31 -0.14 -4.91
N THR A 263 -5.13 0.28 -4.47
CA THR A 263 -5.09 1.41 -3.57
C THR A 263 -5.53 2.67 -4.28
N ALA A 264 -5.05 2.84 -5.50
CA ALA A 264 -5.42 4.01 -6.26
C ALA A 264 -6.93 4.01 -6.46
N LEU A 265 -7.47 2.88 -6.88
CA LEU A 265 -8.91 2.78 -7.13
C LEU A 265 -9.67 3.10 -5.86
N ALA A 266 -9.14 2.59 -4.75
CA ALA A 266 -9.79 2.81 -3.46
C ALA A 266 -9.81 4.29 -3.19
N ASN A 267 -8.68 4.94 -3.39
CA ASN A 267 -8.64 6.32 -3.04
C ASN A 267 -9.46 7.12 -3.99
N ILE A 268 -9.36 6.79 -5.26
CA ILE A 268 -10.11 7.55 -6.26
C ILE A 268 -11.57 7.43 -5.86
N ASN A 269 -12.00 6.20 -5.59
CA ASN A 269 -13.39 6.01 -5.34
C ASN A 269 -13.79 6.65 -4.01
N ALA A 270 -12.93 6.55 -3.03
CA ALA A 270 -13.25 7.09 -1.72
C ALA A 270 -13.46 8.60 -1.79
N PHE A 271 -12.58 9.30 -2.49
CA PHE A 271 -12.75 10.71 -2.61
C PHE A 271 -13.82 11.05 -3.60
N TYR A 272 -13.99 10.20 -4.59
CA TYR A 272 -15.08 10.44 -5.52
C TYR A 272 -16.39 10.49 -4.71
N ARG A 273 -16.52 9.55 -3.79
CA ARG A 273 -17.75 9.43 -3.01
C ARG A 273 -17.83 10.57 -2.02
N ARG A 274 -16.70 10.90 -1.41
CA ARG A 274 -16.71 11.85 -0.31
C ARG A 274 -16.59 13.29 -0.71
N CYS A 275 -16.15 13.55 -1.94
CA CYS A 275 -15.99 14.91 -2.40
C CYS A 275 -16.77 15.07 -3.66
N PRO A 276 -18.11 14.98 -3.57
CA PRO A 276 -18.91 15.03 -4.79
C PRO A 276 -18.77 16.36 -5.51
N GLY A 277 -18.35 17.41 -4.80
CA GLY A 277 -18.19 18.72 -5.41
C GLY A 277 -16.87 18.85 -6.17
N LYS A 278 -16.10 17.77 -6.21
CA LYS A 278 -14.76 17.86 -6.76
C LYS A 278 -14.54 16.78 -7.79
N LEU A 279 -13.60 17.04 -8.70
CA LEU A 279 -13.21 16.03 -9.66
C LEU A 279 -12.12 15.20 -9.03
N ILE A 280 -12.07 13.94 -9.40
CA ILE A 280 -10.99 13.10 -8.97
C ILE A 280 -10.15 12.81 -10.19
N PHE A 281 -8.84 12.92 -10.05
CA PHE A 281 -7.96 12.45 -11.10
C PHE A 281 -7.36 11.18 -10.56
N GLY A 282 -7.37 10.16 -11.40
CA GLY A 282 -6.84 8.90 -10.97
C GLY A 282 -5.37 8.89 -11.28
N CYS A 283 -4.63 8.25 -10.41
CA CYS A 283 -3.22 8.05 -10.67
C CYS A 283 -2.83 6.83 -9.91
N GLY A 284 -2.23 5.87 -10.60
CA GLY A 284 -1.76 4.72 -9.89
C GLY A 284 -2.10 3.47 -10.64
N GLY A 285 -1.08 2.84 -11.17
CA GLY A 285 -1.27 1.51 -11.68
C GLY A 285 -1.89 1.43 -13.06
N VAL A 286 -1.94 2.54 -13.79
CA VAL A 286 -2.48 2.49 -15.13
C VAL A 286 -1.40 2.09 -16.10
N TYR A 287 -1.59 0.91 -16.69
CA TYR A 287 -0.75 0.47 -17.78
C TYR A 287 -1.53 0.28 -19.04
N THR A 288 -2.83 0.06 -18.90
CA THR A 288 -3.68 -0.31 -20.03
C THR A 288 -4.92 0.55 -20.06
N GLY A 289 -5.60 0.54 -21.19
CA GLY A 289 -6.88 1.22 -21.24
C GLY A 289 -7.81 0.58 -20.23
N GLU A 290 -7.67 -0.72 -20.01
CA GLU A 290 -8.54 -1.38 -19.06
C GLU A 290 -8.30 -0.83 -17.66
N ASP A 291 -7.04 -0.60 -17.33
CA ASP A 291 -6.76 -0.02 -16.03
C ASP A 291 -7.39 1.36 -15.95
N ALA A 292 -7.26 2.13 -17.01
CA ALA A 292 -7.81 3.48 -17.04
C ALA A 292 -9.32 3.42 -16.88
N PHE A 293 -9.90 2.41 -17.49
CA PHE A 293 -11.33 2.22 -17.41
C PHE A 293 -11.69 1.99 -15.94
N LEU A 294 -10.86 1.24 -15.24
CA LEU A 294 -11.11 1.02 -13.81
C LEU A 294 -11.04 2.32 -13.07
N HIS A 295 -10.05 3.13 -13.38
CA HIS A 295 -9.95 4.41 -12.71
C HIS A 295 -11.19 5.20 -12.92
N VAL A 296 -11.65 5.20 -14.16
CA VAL A 296 -12.78 6.03 -14.47
C VAL A 296 -14.01 5.47 -13.77
N LEU A 297 -14.15 4.17 -13.81
CA LEU A 297 -15.28 3.54 -13.12
C LEU A 297 -15.28 3.90 -11.65
N ALA A 298 -14.08 3.97 -11.08
CA ALA A 298 -13.95 4.30 -9.67
C ALA A 298 -14.29 5.75 -9.44
N GLY A 299 -14.23 6.57 -10.48
CA GLY A 299 -14.59 7.97 -10.33
C GLY A 299 -13.66 8.95 -11.03
N ALA A 300 -12.59 8.46 -11.66
CA ALA A 300 -11.59 9.34 -12.21
C ALA A 300 -12.12 10.10 -13.42
N SER A 301 -11.81 11.39 -13.44
CA SER A 301 -12.04 12.29 -14.56
C SER A 301 -10.80 12.33 -15.45
N MET A 302 -9.65 12.61 -14.88
CA MET A 302 -8.41 12.44 -15.63
C MET A 302 -7.75 11.20 -15.09
N VAL A 303 -6.86 10.63 -15.87
CA VAL A 303 -6.19 9.43 -15.48
C VAL A 303 -4.72 9.66 -15.76
N GLN A 304 -3.93 9.64 -14.71
CA GLN A 304 -2.54 9.91 -14.85
C GLN A 304 -1.78 8.62 -14.91
N VAL A 305 -0.66 8.69 -15.59
CA VAL A 305 0.11 7.50 -15.86
C VAL A 305 1.52 7.80 -15.47
N GLY A 306 2.02 7.08 -14.47
CA GLY A 306 3.36 7.31 -13.99
C GLY A 306 4.27 6.21 -14.48
N THR A 307 4.37 5.17 -13.68
CA THR A 307 5.30 4.11 -13.94
C THR A 307 5.22 3.61 -15.37
N ALA A 308 4.01 3.36 -15.86
CA ALA A 308 3.90 2.76 -17.20
C ALA A 308 4.48 3.70 -18.22
N LEU A 309 4.24 4.99 -18.00
CA LEU A 309 4.73 6.02 -18.87
C LEU A 309 6.25 6.09 -18.76
N GLN A 310 6.75 5.97 -17.54
CA GLN A 310 8.18 6.02 -17.34
C GLN A 310 8.83 4.91 -18.14
N GLU A 311 8.20 3.76 -18.13
CA GLU A 311 8.74 2.60 -18.82
C GLU A 311 8.53 2.63 -20.32
N GLU A 312 7.46 3.26 -20.77
CA GLU A 312 7.09 3.11 -22.16
C GLU A 312 7.35 4.35 -22.98
N GLY A 313 7.43 5.49 -22.32
CA GLY A 313 7.53 6.77 -23.01
C GLY A 313 6.15 7.24 -23.47
N PRO A 314 6.10 8.47 -23.97
CA PRO A 314 4.83 9.18 -24.22
C PRO A 314 3.99 8.55 -25.32
N SER A 315 4.55 7.60 -26.06
CA SER A 315 3.77 6.89 -27.08
C SER A 315 2.71 6.01 -26.39
N ILE A 316 2.91 5.77 -25.11
CA ILE A 316 1.93 5.03 -24.34
C ILE A 316 0.55 5.66 -24.46
N PHE A 317 0.50 6.97 -24.62
CA PHE A 317 -0.78 7.63 -24.66
C PHE A 317 -1.62 7.26 -25.86
N GLU A 318 -0.95 6.98 -26.98
CA GLU A 318 -1.64 6.50 -28.16
C GLU A 318 -2.26 5.15 -27.84
N ARG A 319 -1.47 4.31 -27.18
CA ARG A 319 -1.91 2.97 -26.88
C ARG A 319 -3.02 3.02 -25.87
N LEU A 320 -2.88 3.89 -24.88
CA LEU A 320 -3.91 3.96 -23.84
C LEU A 320 -5.23 4.47 -24.39
N THR A 321 -5.17 5.52 -25.20
CA THR A 321 -6.41 6.07 -25.72
C THR A 321 -7.07 5.00 -26.54
N SER A 322 -6.27 4.28 -27.32
CA SER A 322 -6.78 3.27 -28.22
C SER A 322 -7.37 2.14 -27.40
N GLU A 323 -6.67 1.77 -26.33
CA GLU A 323 -7.13 0.67 -25.53
C GLU A 323 -8.38 1.04 -24.77
N LEU A 324 -8.45 2.25 -24.27
CA LEU A 324 -9.58 2.66 -23.48
C LEU A 324 -10.79 2.76 -24.40
N LEU A 325 -10.57 3.29 -25.59
CA LEU A 325 -11.61 3.27 -26.61
C LEU A 325 -12.07 1.85 -26.93
N GLY A 326 -11.13 0.93 -27.06
CA GLY A 326 -11.46 -0.46 -27.32
C GLY A 326 -12.23 -1.07 -26.17
N VAL A 327 -11.82 -0.75 -24.94
CA VAL A 327 -12.60 -1.22 -23.80
C VAL A 327 -14.01 -0.67 -23.85
N MET A 328 -14.13 0.62 -24.12
CA MET A 328 -15.44 1.26 -24.16
C MET A 328 -16.28 0.72 -25.30
N ALA A 329 -15.64 0.47 -26.42
CA ALA A 329 -16.32 -0.14 -27.57
C ALA A 329 -16.86 -1.53 -27.22
N LYS A 330 -16.03 -2.41 -26.65
CA LYS A 330 -16.48 -3.73 -26.23
C LYS A 330 -17.61 -3.65 -25.22
N LYS A 331 -17.63 -2.59 -24.42
CA LYS A 331 -18.61 -2.48 -23.35
C LYS A 331 -19.77 -1.61 -23.77
N ARG A 332 -19.70 -1.09 -24.99
CA ARG A 332 -20.73 -0.22 -25.54
C ARG A 332 -20.92 1.04 -24.71
N TYR A 333 -19.81 1.67 -24.36
CA TYR A 333 -19.86 3.00 -23.84
C TYR A 333 -19.37 3.93 -24.91
N GLN A 334 -19.90 5.12 -24.93
CA GLN A 334 -19.47 6.05 -25.93
C GLN A 334 -18.73 7.19 -25.28
N THR A 335 -19.04 7.47 -24.02
CA THR A 335 -18.38 8.55 -23.34
C THR A 335 -17.95 8.06 -21.97
N LEU A 336 -16.98 8.76 -21.40
CA LEU A 336 -16.52 8.43 -20.07
C LEU A 336 -17.60 8.72 -19.05
N ASP A 337 -18.39 9.77 -19.27
CA ASP A 337 -19.51 10.13 -18.41
C ASP A 337 -20.42 8.94 -18.14
N GLU A 338 -20.50 8.04 -19.09
CA GLU A 338 -21.47 6.97 -19.01
C GLU A 338 -21.14 5.97 -17.94
N PHE A 339 -19.88 5.91 -17.54
CA PHE A 339 -19.55 4.95 -16.51
C PHE A 339 -18.67 5.52 -15.43
N ARG A 340 -18.29 6.77 -15.54
CA ARG A 340 -17.40 7.31 -14.52
C ARG A 340 -18.06 7.20 -13.16
N GLY A 341 -17.37 6.60 -12.21
CA GLY A 341 -17.88 6.55 -10.85
C GLY A 341 -18.97 5.51 -10.67
N LYS A 342 -19.25 4.73 -11.71
CA LYS A 342 -20.40 3.83 -11.64
C LYS A 342 -20.04 2.42 -11.24
N VAL A 343 -18.87 2.27 -10.63
CA VAL A 343 -18.45 0.97 -10.18
C VAL A 343 -19.57 0.43 -9.32
N ARG A 344 -19.95 -0.80 -9.60
CA ARG A 344 -21.05 -1.40 -8.88
C ARG A 344 -20.56 -2.06 -7.62
N THR A 345 -21.23 -1.78 -6.53
CA THR A 345 -20.93 -2.45 -5.28
C THR A 345 -21.86 -3.62 -5.09
N LEU A 346 -21.49 -4.52 -4.20
CA LEU A 346 -22.27 -5.72 -4.02
C LEU A 346 -23.16 -5.62 -2.79
N ASP A 347 -23.09 -4.50 -2.07
CA ASP A 347 -23.79 -4.36 -0.78
C ASP A 347 -24.86 -3.26 -0.80
N GLY B 33 26.34 -28.29 1.79
CA GLY B 33 26.45 -28.85 3.17
C GLY B 33 25.12 -28.90 3.93
N SER B 34 25.21 -28.88 5.26
CA SER B 34 24.03 -28.95 6.11
C SER B 34 23.30 -27.61 6.15
N MET B 35 22.10 -27.58 5.63
CA MET B 35 21.30 -26.36 5.67
C MET B 35 20.19 -26.57 6.66
N SER B 36 19.73 -25.49 7.25
CA SER B 36 18.65 -25.63 8.18
C SER B 36 17.82 -24.39 8.13
N LEU B 37 16.50 -24.57 8.13
CA LEU B 37 15.59 -23.44 8.23
C LEU B 37 15.20 -23.24 9.66
N GLN B 38 15.89 -23.92 10.56
CA GLN B 38 15.49 -23.85 11.94
C GLN B 38 15.52 -22.42 12.43
N VAL B 39 14.55 -22.09 13.27
CA VAL B 39 14.53 -20.78 13.88
C VAL B 39 14.35 -21.04 15.34
N ASN B 40 15.10 -20.33 16.15
CA ASN B 40 14.97 -20.46 17.57
C ASN B 40 14.61 -19.12 18.12
N LEU B 41 13.42 -19.04 18.72
CA LEU B 41 12.99 -17.82 19.31
C LEU B 41 11.86 -18.11 20.25
N LEU B 42 11.60 -17.19 21.17
CA LEU B 42 10.51 -17.33 22.12
C LEU B 42 10.62 -18.64 22.88
N ASN B 43 11.84 -19.05 23.20
N ASN B 43 11.85 -19.03 23.17
CA ASN B 43 12.05 -20.29 23.95
CA ASN B 43 12.16 -20.27 23.89
C ASN B 43 11.54 -21.51 23.18
C ASN B 43 11.58 -21.47 23.18
N ASN B 44 11.49 -21.39 21.86
CA ASN B 44 10.98 -22.47 21.07
C ASN B 44 11.90 -22.74 19.92
N THR B 45 11.77 -23.93 19.37
CA THR B 45 12.49 -24.29 18.19
C THR B 45 11.49 -24.47 17.10
N PHE B 46 11.73 -23.80 16.00
CA PHE B 46 10.84 -23.94 14.88
C PHE B 46 11.62 -24.61 13.80
N ALA B 47 10.99 -25.59 13.16
CA ALA B 47 11.64 -26.37 12.13
C ALA B 47 11.99 -25.48 10.97
N ASN B 48 11.16 -24.45 10.78
CA ASN B 48 11.34 -23.58 9.66
C ASN B 48 10.55 -22.32 9.98
N PRO B 49 10.80 -21.23 9.24
CA PRO B 49 10.25 -19.97 9.69
C PRO B 49 8.80 -19.85 9.26
N PHE B 50 8.30 -20.79 8.47
CA PHE B 50 6.98 -20.60 7.88
C PHE B 50 5.83 -20.89 8.78
N MET B 51 4.80 -20.09 8.61
CA MET B 51 3.55 -20.34 9.31
C MET B 51 2.47 -19.65 8.51
N ASN B 52 1.22 -19.96 8.82
CA ASN B 52 0.16 -19.21 8.19
C ASN B 52 0.18 -17.81 8.76
N ALA B 53 -0.34 -16.89 7.95
CA ALA B 53 -0.68 -15.58 8.42
C ALA B 53 -1.97 -15.73 9.21
N ALA B 54 -2.12 -14.93 10.23
CA ALA B 54 -3.31 -15.04 11.06
C ALA B 54 -4.49 -14.81 10.15
N GLY B 55 -5.53 -15.59 10.37
CA GLY B 55 -6.75 -15.45 9.60
C GLY B 55 -6.81 -16.37 8.42
N VAL B 56 -5.67 -16.83 7.94
CA VAL B 56 -5.71 -17.70 6.80
C VAL B 56 -5.58 -19.15 7.24
N MET B 57 -6.54 -19.98 6.83
N MET B 57 -6.58 -19.95 6.87
CA MET B 57 -6.54 -21.41 7.12
CA MET B 57 -6.56 -21.38 7.12
C MET B 57 -6.24 -21.71 8.57
C MET B 57 -6.25 -21.71 8.56
N CYS B 58 -6.92 -21.02 9.48
CA CYS B 58 -6.63 -21.22 10.87
C CYS B 58 -7.83 -20.89 11.71
N THR B 59 -9.03 -21.01 11.17
CA THR B 59 -10.19 -20.58 11.92
C THR B 59 -10.84 -21.75 12.60
N THR B 60 -10.86 -22.88 11.92
CA THR B 60 -11.60 -24.01 12.45
C THR B 60 -10.64 -25.01 12.99
N THR B 61 -11.17 -25.96 13.74
CA THR B 61 -10.37 -27.05 14.21
C THR B 61 -9.68 -27.72 13.03
N GLU B 62 -10.44 -28.04 12.01
CA GLU B 62 -9.89 -28.72 10.85
C GLU B 62 -8.69 -27.95 10.28
N GLU B 63 -8.81 -26.64 10.17
CA GLU B 63 -7.75 -25.85 9.59
C GLU B 63 -6.54 -25.86 10.50
N LEU B 64 -6.78 -25.73 11.78
CA LEU B 64 -5.71 -25.66 12.75
C LEU B 64 -4.97 -26.98 12.77
N VAL B 65 -5.72 -28.06 12.67
CA VAL B 65 -5.13 -29.38 12.56
C VAL B 65 -4.34 -29.48 11.28
N ALA B 66 -4.91 -29.02 10.17
CA ALA B 66 -4.21 -29.10 8.91
C ALA B 66 -2.91 -28.29 8.97
N MET B 67 -2.96 -27.13 9.60
CA MET B 67 -1.77 -26.30 9.70
C MET B 67 -0.75 -27.01 10.55
N THR B 68 -1.20 -27.63 11.63
CA THR B 68 -0.32 -28.32 12.55
C THR B 68 0.30 -29.53 11.84
N GLU B 69 -0.50 -30.22 11.03
N GLU B 69 -0.50 -30.22 11.03
CA GLU B 69 -0.01 -31.36 10.26
CA GLU B 69 -0.02 -31.38 10.27
C GLU B 69 0.85 -30.95 9.08
C GLU B 69 0.82 -30.96 9.07
N SER B 70 0.77 -29.67 8.70
CA SER B 70 1.53 -29.21 7.55
C SER B 70 3.03 -29.15 7.87
N ALA B 71 3.81 -28.89 6.83
CA ALA B 71 5.25 -28.70 6.99
C ALA B 71 5.61 -27.35 7.61
N SER B 72 4.62 -26.52 7.91
CA SER B 72 4.92 -25.20 8.49
C SER B 72 5.69 -25.33 9.79
N GLY B 73 6.57 -24.36 10.06
CA GLY B 73 7.28 -24.32 11.32
C GLY B 73 6.34 -23.97 12.45
N SER B 74 5.25 -23.28 12.13
CA SER B 74 4.33 -22.92 13.19
C SER B 74 3.00 -22.59 12.59
N LEU B 75 2.11 -22.13 13.44
CA LEU B 75 0.83 -21.70 12.96
C LEU B 75 0.30 -20.70 13.92
N VAL B 76 -0.66 -19.94 13.46
CA VAL B 76 -1.28 -19.01 14.31
C VAL B 76 -2.77 -19.12 14.08
N SER B 77 -3.50 -19.12 15.17
CA SER B 77 -4.93 -19.27 15.06
C SER B 77 -5.56 -17.97 14.62
N LYS B 78 -6.74 -18.09 14.01
CA LYS B 78 -7.47 -16.93 13.54
C LYS B 78 -7.62 -15.91 14.62
N SER B 79 -7.42 -14.63 14.28
CA SER B 79 -7.55 -13.58 15.26
C SER B 79 -8.91 -13.69 15.90
N CYS B 80 -8.93 -13.73 17.22
CA CYS B 80 -10.17 -14.00 17.91
C CYS B 80 -10.69 -12.83 18.66
N THR B 81 -12.01 -12.82 18.81
CA THR B 81 -12.67 -11.85 19.61
C THR B 81 -13.25 -12.67 20.76
N PRO B 82 -13.74 -12.00 21.80
CA PRO B 82 -14.14 -12.76 22.98
C PRO B 82 -15.19 -13.78 22.63
N ALA B 83 -16.10 -13.39 21.75
CA ALA B 83 -17.17 -14.28 21.33
C ALA B 83 -17.01 -14.57 19.87
N LEU B 84 -17.65 -15.62 19.40
CA LEU B 84 -17.59 -15.90 17.98
C LEU B 84 -18.15 -14.75 17.17
N ARG B 85 -17.68 -14.63 15.93
CA ARG B 85 -18.25 -13.66 15.01
C ARG B 85 -18.48 -14.36 13.69
N GLU B 86 -19.61 -14.04 13.08
N GLU B 86 -19.60 -14.08 13.06
CA GLU B 86 -19.97 -14.55 11.78
CA GLU B 86 -19.88 -14.65 11.75
C GLU B 86 -19.05 -13.94 10.73
C GLU B 86 -19.03 -13.95 10.69
N GLY B 87 -18.64 -12.71 10.99
CA GLY B 87 -17.85 -11.95 10.05
C GLY B 87 -18.77 -11.35 9.01
N ASN B 88 -18.19 -10.83 7.95
CA ASN B 88 -18.96 -10.03 7.01
C ASN B 88 -19.67 -10.90 6.02
N PRO B 89 -20.64 -10.32 5.32
CA PRO B 89 -21.31 -11.06 4.25
C PRO B 89 -20.35 -11.36 3.14
N THR B 90 -20.58 -12.48 2.47
CA THR B 90 -19.75 -12.87 1.37
C THR B 90 -20.30 -12.31 0.07
N PRO B 91 -19.45 -12.19 -0.95
CA PRO B 91 -18.06 -12.59 -0.92
C PRO B 91 -17.26 -11.57 -0.14
N ARG B 92 -16.32 -12.06 0.65
CA ARG B 92 -15.57 -11.18 1.51
C ARG B 92 -14.09 -11.45 1.34
N TYR B 93 -13.77 -12.35 0.43
CA TYR B 93 -12.41 -12.57 0.09
C TYR B 93 -12.38 -12.83 -1.38
N GLN B 94 -11.40 -12.28 -2.06
CA GLN B 94 -11.22 -12.63 -3.45
C GLN B 94 -9.75 -12.77 -3.72
N ALA B 95 -9.37 -13.91 -4.28
CA ALA B 95 -8.03 -14.11 -4.78
C ALA B 95 -7.88 -13.33 -6.07
N LEU B 96 -6.70 -12.79 -6.29
CA LEU B 96 -6.46 -11.95 -7.45
C LEU B 96 -5.16 -12.35 -8.06
N PRO B 97 -4.97 -12.02 -9.33
CA PRO B 97 -3.69 -12.32 -9.97
C PRO B 97 -2.54 -11.80 -9.12
N LEU B 98 -2.71 -10.64 -8.51
CA LEU B 98 -1.59 -10.07 -7.77
C LEU B 98 -1.75 -10.18 -6.27
N GLY B 99 -2.71 -10.96 -5.81
CA GLY B 99 -2.84 -11.11 -4.38
C GLY B 99 -4.24 -11.47 -3.97
N SER B 100 -4.76 -10.70 -3.03
CA SER B 100 -6.10 -10.94 -2.57
C SER B 100 -6.62 -9.66 -2.01
N ILE B 101 -7.93 -9.62 -1.90
CA ILE B 101 -8.54 -8.54 -1.19
C ILE B 101 -9.53 -9.21 -0.29
N ASN B 102 -9.69 -8.70 0.92
CA ASN B 102 -10.69 -9.30 1.76
C ASN B 102 -11.21 -8.26 2.71
N SER B 103 -12.43 -8.50 3.15
N SER B 103 -12.45 -8.46 3.14
CA SER B 103 -13.00 -7.80 4.28
CA SER B 103 -12.98 -7.76 4.31
C SER B 103 -13.74 -8.88 5.03
C SER B 103 -13.72 -8.80 5.13
N MET B 104 -12.98 -9.77 5.66
CA MET B 104 -13.57 -10.92 6.33
C MET B 104 -14.51 -10.48 7.44
N GLY B 105 -14.11 -9.46 8.17
CA GLY B 105 -14.93 -8.97 9.28
C GLY B 105 -14.67 -9.80 10.52
N LEU B 106 -13.47 -10.36 10.61
CA LEU B 106 -13.05 -11.11 11.77
C LEU B 106 -14.01 -12.27 12.10
N PRO B 107 -14.40 -13.07 11.09
CA PRO B 107 -15.18 -14.25 11.44
C PRO B 107 -14.26 -15.17 12.21
N ASN B 108 -14.68 -15.56 13.41
CA ASN B 108 -13.82 -16.43 14.16
C ASN B 108 -14.67 -17.11 15.18
N ASN B 109 -14.16 -18.23 15.69
CA ASN B 109 -14.93 -19.07 16.60
C ASN B 109 -14.97 -18.50 17.99
N GLY B 110 -14.27 -17.40 18.20
CA GLY B 110 -14.28 -16.78 19.50
C GLY B 110 -13.12 -17.33 20.32
N PHE B 111 -12.76 -16.54 21.31
CA PHE B 111 -11.56 -16.77 22.07
C PHE B 111 -11.59 -18.12 22.76
N ASP B 112 -12.70 -18.46 23.40
CA ASP B 112 -12.71 -19.72 24.14
C ASP B 112 -12.29 -20.85 23.23
N PHE B 113 -12.72 -20.78 21.98
CA PHE B 113 -12.44 -21.87 21.06
C PHE B 113 -10.94 -22.00 20.80
N TYR B 114 -10.29 -20.87 20.55
CA TYR B 114 -8.84 -20.89 20.27
C TYR B 114 -8.06 -21.16 21.53
N LEU B 115 -8.56 -20.64 22.64
CA LEU B 115 -7.97 -20.94 23.92
C LEU B 115 -8.00 -22.45 24.15
N ALA B 116 -9.15 -23.06 23.89
CA ALA B 116 -9.32 -24.50 24.10
C ALA B 116 -8.46 -25.24 23.14
N TYR B 117 -8.32 -24.73 21.93
CA TYR B 117 -7.48 -25.43 20.99
C TYR B 117 -6.05 -25.42 21.54
N ALA B 118 -5.62 -24.25 22.00
CA ALA B 118 -4.28 -24.08 22.55
C ALA B 118 -4.10 -24.90 23.82
N ALA B 119 -5.11 -24.90 24.66
CA ALA B 119 -5.02 -25.57 25.96
C ALA B 119 -5.07 -27.10 25.84
N GLU B 120 -5.88 -27.60 24.92
CA GLU B 120 -6.32 -28.98 25.04
C GLU B 120 -6.07 -29.78 23.77
N GLN B 121 -5.96 -29.12 22.63
CA GLN B 121 -5.92 -29.89 21.41
C GLN B 121 -4.62 -29.82 20.69
N HIS B 122 -4.03 -28.64 20.68
CA HIS B 122 -2.90 -28.46 19.82
C HIS B 122 -1.76 -29.38 20.25
N ASP B 123 -1.15 -30.04 19.27
CA ASP B 123 0.03 -30.87 19.55
C ASP B 123 1.29 -30.03 19.47
N TYR B 124 1.76 -29.57 20.63
CA TYR B 124 2.93 -28.73 20.69
C TYR B 124 4.19 -29.50 20.37
N GLY B 125 4.06 -30.83 20.38
CA GLY B 125 5.16 -31.70 19.98
C GLY B 125 5.40 -31.58 18.50
N LYS B 126 4.37 -31.15 17.77
CA LYS B 126 4.53 -30.98 16.33
C LYS B 126 5.17 -29.62 16.03
N LYS B 127 4.61 -28.56 16.62
CA LYS B 127 5.13 -27.23 16.39
C LYS B 127 4.52 -26.26 17.38
N PRO B 128 5.21 -25.15 17.61
CA PRO B 128 4.66 -24.14 18.50
C PRO B 128 3.41 -23.54 17.88
N LEU B 129 2.61 -22.95 18.74
CA LEU B 129 1.34 -22.42 18.31
C LEU B 129 1.28 -20.99 18.70
N PHE B 130 0.83 -20.15 17.77
CA PHE B 130 0.53 -18.79 18.12
C PHE B 130 -0.95 -18.62 18.11
N LEU B 131 -1.42 -17.77 18.99
CA LEU B 131 -2.84 -17.50 19.04
C LEU B 131 -2.97 -16.05 18.76
N SER B 132 -3.68 -15.73 17.70
CA SER B 132 -3.84 -14.34 17.38
C SER B 132 -5.08 -13.82 18.05
N MET B 133 -4.93 -12.66 18.65
CA MET B 133 -6.03 -12.09 19.39
C MET B 133 -6.39 -10.76 18.80
N SER B 134 -7.67 -10.49 18.65
CA SER B 134 -8.03 -9.23 18.08
C SER B 134 -9.31 -8.76 18.72
N GLY B 135 -9.26 -8.53 20.02
CA GLY B 135 -10.34 -7.92 20.73
C GLY B 135 -10.76 -6.64 20.04
N LEU B 136 -12.04 -6.32 20.12
CA LEU B 136 -12.55 -5.10 19.52
C LEU B 136 -12.37 -3.91 20.44
N SER B 137 -11.79 -4.16 21.60
CA SER B 137 -11.44 -3.04 22.47
C SER B 137 -10.31 -3.54 23.34
N MET B 138 -9.62 -2.58 23.94
CA MET B 138 -8.57 -2.88 24.88
C MET B 138 -9.09 -3.80 25.96
N ARG B 139 -10.27 -3.48 26.49
CA ARG B 139 -10.83 -4.27 27.56
C ARG B 139 -10.98 -5.73 27.12
N GLU B 140 -11.40 -5.95 25.88
CA GLU B 140 -11.60 -7.32 25.43
C GLU B 140 -10.27 -8.04 25.38
N ASN B 141 -9.26 -7.37 24.85
CA ASN B 141 -7.92 -7.95 24.82
C ASN B 141 -7.41 -8.24 26.20
N VAL B 142 -7.60 -7.30 27.11
CA VAL B 142 -7.17 -7.50 28.47
C VAL B 142 -7.84 -8.75 29.04
N GLU B 143 -9.15 -8.86 28.88
CA GLU B 143 -9.87 -10.00 29.47
C GLU B 143 -9.45 -11.31 28.82
N MET B 144 -9.24 -11.31 27.52
CA MET B 144 -8.77 -12.51 26.89
C MET B 144 -7.36 -12.87 27.36
N CYS B 145 -6.50 -11.87 27.47
CA CYS B 145 -5.13 -12.14 27.87
C CYS B 145 -5.10 -12.68 29.30
N LYS B 146 -5.92 -12.11 30.17
CA LYS B 146 -6.00 -12.62 31.53
C LYS B 146 -6.20 -14.12 31.51
N ARG B 147 -7.04 -14.59 30.59
CA ARG B 147 -7.33 -16.01 30.55
C ARG B 147 -6.31 -16.78 29.75
N LEU B 148 -5.76 -16.12 28.73
CA LEU B 148 -4.75 -16.78 27.92
C LEU B 148 -3.49 -17.03 28.77
N ALA B 149 -3.24 -16.16 29.73
CA ALA B 149 -2.02 -16.26 30.55
C ALA B 149 -1.72 -17.70 30.97
N ALA B 150 -2.68 -18.33 31.63
CA ALA B 150 -2.44 -19.64 32.25
C ALA B 150 -2.14 -20.65 31.19
N VAL B 151 -2.79 -20.51 30.04
CA VAL B 151 -2.60 -21.47 28.98
C VAL B 151 -1.25 -21.25 28.31
N ALA B 152 -0.86 -19.98 28.17
CA ALA B 152 0.45 -19.69 27.65
C ALA B 152 1.47 -20.33 28.61
N THR B 153 1.23 -20.16 29.91
CA THR B 153 2.12 -20.71 30.93
C THR B 153 2.15 -22.22 30.83
N GLU B 154 0.97 -22.83 30.80
CA GLU B 154 0.88 -24.28 30.87
C GLU B 154 1.28 -24.95 29.57
N LYS B 155 0.96 -24.34 28.44
CA LYS B 155 1.08 -25.04 27.18
C LYS B 155 2.09 -24.41 26.24
N GLY B 156 2.41 -23.14 26.47
CA GLY B 156 3.41 -22.46 25.66
C GLY B 156 2.84 -21.80 24.43
N VAL B 157 1.52 -21.77 24.28
CA VAL B 157 0.93 -20.99 23.19
C VAL B 157 1.43 -19.55 23.30
N ILE B 158 1.69 -18.95 22.15
CA ILE B 158 2.27 -17.62 22.11
C ILE B 158 1.27 -16.66 21.51
N LEU B 159 1.08 -15.55 22.19
CA LEU B 159 0.11 -14.54 21.77
C LEU B 159 0.67 -13.73 20.60
N GLU B 160 -0.08 -13.66 19.50
CA GLU B 160 0.14 -12.59 18.55
C GLU B 160 -1.05 -11.66 18.64
N LEU B 161 -0.80 -10.49 19.19
CA LEU B 161 -1.81 -9.51 19.44
C LEU B 161 -1.94 -8.63 18.23
N ASN B 162 -3.14 -8.68 17.68
CA ASN B 162 -3.41 -7.98 16.46
C ASN B 162 -3.65 -6.53 16.81
N LEU B 163 -2.71 -5.66 16.45
CA LEU B 163 -2.83 -4.25 16.70
C LEU B 163 -3.34 -3.53 15.45
N SER B 164 -3.82 -4.29 14.47
CA SER B 164 -4.15 -3.73 13.14
C SER B 164 -5.66 -3.39 13.01
N ASP B 177 -4.31 4.83 16.49
CA ASP B 177 -3.22 5.77 16.75
C ASP B 177 -2.23 5.24 17.79
N PHE B 178 -1.09 5.92 17.91
CA PHE B 178 0.00 5.36 18.71
C PHE B 178 -0.23 5.43 20.21
N ASP B 179 -0.93 6.45 20.67
CA ASP B 179 -1.31 6.52 22.09
C ASP B 179 -2.14 5.31 22.45
N ALA B 180 -3.13 5.02 21.60
CA ALA B 180 -4.02 3.89 21.84
C ALA B 180 -3.20 2.60 21.84
N MET B 181 -2.24 2.53 20.94
CA MET B 181 -1.40 1.36 20.88
C MET B 181 -0.62 1.21 22.16
N ARG B 182 -0.05 2.32 22.63
CA ARG B 182 0.68 2.27 23.87
C ARG B 182 -0.23 1.84 25.02
N GLN B 183 -1.42 2.40 25.06
CA GLN B 183 -2.36 2.04 26.12
C GLN B 183 -2.67 0.57 26.06
N CSX B 184 -2.93 0.07 24.85
CA CSX B 184 -3.30 -1.32 24.67
CB CSX B 184 -3.56 -1.56 23.19
SG CSX B 184 -3.65 -3.24 22.86
C CSX B 184 -2.17 -2.17 25.19
O CSX B 184 -2.39 -3.13 25.92
OD CSX B 184 -4.95 -3.70 23.46
N LEU B 185 -0.95 -1.86 24.78
CA LEU B 185 0.20 -2.67 25.16
C LEU B 185 0.46 -2.57 26.65
N THR B 186 0.21 -1.40 27.22
CA THR B 186 0.33 -1.27 28.65
C THR B 186 -0.67 -2.17 29.36
N ALA B 187 -1.92 -2.12 28.90
CA ALA B 187 -3.01 -2.84 29.53
C ALA B 187 -2.76 -4.34 29.39
N VAL B 188 -2.32 -4.75 28.21
CA VAL B 188 -2.02 -6.15 27.99
C VAL B 188 -0.81 -6.58 28.80
N SER B 189 0.24 -5.77 28.79
CA SER B 189 1.46 -6.11 29.52
C SER B 189 1.15 -6.26 31.01
N GLU B 190 0.23 -5.43 31.50
CA GLU B 190 -0.18 -5.45 32.90
C GLU B 190 -0.74 -6.80 33.30
N VAL B 191 -1.43 -7.47 32.39
CA VAL B 191 -2.17 -8.65 32.78
C VAL B 191 -1.62 -9.90 32.15
N TYR B 192 -0.73 -9.74 31.19
CA TYR B 192 -0.26 -10.88 30.47
C TYR B 192 1.22 -11.07 30.81
N PRO B 193 1.54 -12.11 31.59
CA PRO B 193 2.88 -12.35 32.12
C PRO B 193 3.72 -13.18 31.17
N HIS B 194 3.67 -12.86 29.88
CA HIS B 194 4.47 -13.60 28.93
C HIS B 194 4.92 -12.66 27.84
N SER B 195 5.90 -13.11 27.09
CA SER B 195 6.28 -12.46 25.87
C SER B 195 5.10 -12.60 24.96
N PHE B 196 4.94 -11.64 24.07
CA PHE B 196 4.00 -11.85 22.99
C PHE B 196 4.46 -11.03 21.81
N GLY B 197 3.71 -11.12 20.74
CA GLY B 197 4.06 -10.38 19.56
C GLY B 197 2.86 -9.56 19.17
N VAL B 198 3.08 -8.66 18.25
CA VAL B 198 2.01 -7.79 17.82
C VAL B 198 1.98 -7.85 16.32
N LYS B 199 0.78 -7.88 15.79
CA LYS B 199 0.60 -7.87 14.35
C LYS B 199 0.33 -6.43 13.96
N MET B 200 1.18 -5.89 13.10
CA MET B 200 1.12 -4.47 12.84
C MET B 200 0.48 -4.24 11.49
N PRO B 201 -0.23 -3.14 11.35
CA PRO B 201 -0.61 -2.76 10.02
C PRO B 201 0.66 -2.23 9.36
N PRO B 202 0.70 -2.25 8.03
CA PRO B 202 1.82 -1.61 7.37
C PRO B 202 1.85 -0.13 7.63
N TYR B 203 3.05 0.41 7.75
CA TYR B 203 3.19 1.85 7.73
C TYR B 203 3.91 2.24 6.49
N PHE B 204 3.91 3.53 6.20
CA PHE B 204 4.31 3.97 4.90
C PHE B 204 5.22 5.13 4.96
N ASP B 205 5.72 5.44 6.14
CA ASP B 205 6.78 6.43 6.19
C ASP B 205 7.57 6.26 7.44
N PHE B 206 8.71 6.93 7.49
CA PHE B 206 9.67 6.70 8.57
C PHE B 206 9.11 7.29 9.83
N ALA B 207 8.35 8.37 9.69
CA ALA B 207 7.79 8.98 10.87
C ALA B 207 6.98 7.91 11.58
N HIS B 208 6.21 7.14 10.80
CA HIS B 208 5.42 6.11 11.41
C HIS B 208 6.25 4.94 11.82
N PHE B 209 7.20 4.53 11.00
CA PHE B 209 8.07 3.46 11.49
C PHE B 209 8.62 3.86 12.86
N ASP B 210 9.16 5.08 12.93
CA ASP B 210 9.76 5.54 14.17
C ASP B 210 8.79 5.55 15.33
N ALA B 211 7.60 6.08 15.11
CA ALA B 211 6.65 6.25 16.19
C ALA B 211 6.20 4.89 16.68
N ALA B 212 5.92 4.00 15.74
CA ALA B 212 5.45 2.67 16.07
C ALA B 212 6.56 1.92 16.80
N ALA B 213 7.78 2.00 16.27
CA ALA B 213 8.89 1.29 16.89
C ALA B 213 9.10 1.80 18.31
N GLU B 214 9.00 3.12 18.46
CA GLU B 214 9.19 3.74 19.76
C GLU B 214 8.20 3.14 20.76
N ILE B 215 6.94 3.04 20.35
CA ILE B 215 5.93 2.44 21.19
C ILE B 215 6.33 1.01 21.53
N LEU B 216 6.57 0.21 20.50
CA LEU B 216 6.80 -1.19 20.72
C LEU B 216 8.03 -1.36 21.59
N ASN B 217 9.03 -0.52 21.35
CA ASN B 217 10.25 -0.62 22.15
C ASN B 217 10.02 -0.25 23.61
N GLU B 218 8.90 0.36 23.91
CA GLU B 218 8.54 0.59 25.31
C GLU B 218 8.16 -0.68 26.05
N PHE B 219 7.89 -1.75 25.31
CA PHE B 219 7.29 -2.93 25.89
C PHE B 219 8.14 -4.15 25.66
N PRO B 220 8.95 -4.50 26.68
CA PRO B 220 9.85 -5.61 26.53
C PRO B 220 9.07 -6.88 26.26
N LYS B 221 7.84 -6.97 26.73
CA LYS B 221 7.10 -8.20 26.52
C LYS B 221 6.78 -8.36 25.05
N VAL B 222 6.79 -7.26 24.31
CA VAL B 222 6.55 -7.41 22.89
C VAL B 222 7.84 -7.92 22.28
N GLN B 223 7.90 -9.22 22.11
CA GLN B 223 9.12 -9.87 21.68
C GLN B 223 9.19 -10.06 20.20
N PHE B 224 8.03 -10.00 19.55
CA PHE B 224 8.06 -10.07 18.12
C PHE B 224 7.01 -9.16 17.55
N ILE B 225 7.28 -8.74 16.34
CA ILE B 225 6.44 -7.79 15.66
C ILE B 225 6.19 -8.42 14.33
N THR B 226 4.92 -8.57 13.99
CA THR B 226 4.60 -9.18 12.74
C THR B 226 4.21 -8.10 11.81
N CYS B 227 5.00 -7.98 10.76
CA CYS B 227 4.76 -7.01 9.73
C CYS B 227 4.61 -7.80 8.45
N ILE B 228 3.47 -7.75 7.80
CA ILE B 228 2.46 -6.76 8.04
C ILE B 228 1.09 -7.37 7.91
N ASN B 229 0.11 -6.67 8.44
CA ASN B 229 -1.25 -6.98 8.11
C ASN B 229 -1.48 -6.46 6.70
N SER B 230 -2.72 -6.56 6.24
CA SER B 230 -3.04 -6.18 4.89
C SER B 230 -2.78 -4.72 4.66
N ILE B 231 -2.53 -4.38 3.40
CA ILE B 231 -2.58 -2.99 3.02
C ILE B 231 -4.05 -2.67 2.98
N GLY B 232 -4.45 -1.67 3.76
CA GLY B 232 -5.83 -1.48 4.12
C GLY B 232 -6.64 -0.92 2.98
N ASN B 233 -7.87 -1.39 2.88
CA ASN B 233 -8.86 -0.68 2.10
C ASN B 233 -8.46 -0.32 0.70
N GLY B 234 -7.89 -1.30 0.02
CA GLY B 234 -7.75 -1.28 -1.42
C GLY B 234 -9.13 -1.52 -1.98
N LEU B 235 -9.26 -1.28 -3.27
CA LEU B 235 -10.53 -1.44 -3.91
C LEU B 235 -10.25 -2.12 -5.21
N VAL B 236 -10.67 -3.37 -5.31
CA VAL B 236 -10.49 -4.10 -6.54
C VAL B 236 -11.75 -3.96 -7.30
N ILE B 237 -11.62 -3.60 -8.57
CA ILE B 237 -12.76 -3.47 -9.44
C ILE B 237 -12.49 -4.44 -10.57
N ASP B 238 -13.50 -5.23 -10.86
CA ASP B 238 -13.42 -6.22 -11.91
C ASP B 238 -13.86 -5.48 -13.16
N ALA B 239 -12.96 -5.31 -14.13
CA ALA B 239 -13.28 -4.53 -15.33
C ALA B 239 -14.43 -5.18 -16.12
N GLU B 240 -14.51 -6.50 -16.04
CA GLU B 240 -15.54 -7.26 -16.77
C GLU B 240 -16.92 -6.92 -16.21
N THR B 241 -17.07 -7.06 -14.90
CA THR B 241 -18.37 -6.88 -14.27
C THR B 241 -18.59 -5.44 -13.89
N GLU B 242 -17.56 -4.62 -14.02
CA GLU B 242 -17.65 -3.21 -13.64
C GLU B 242 -18.12 -3.07 -12.21
N SER B 243 -17.62 -3.97 -11.38
CA SER B 243 -18.05 -3.98 -10.02
C SER B 243 -16.86 -4.24 -9.14
N VAL B 244 -17.06 -3.98 -7.86
CA VAL B 244 -16.13 -4.45 -6.86
C VAL B 244 -16.25 -5.97 -6.77
N VAL B 245 -15.39 -6.58 -5.98
CA VAL B 245 -15.34 -8.03 -5.98
C VAL B 245 -15.65 -8.59 -4.62
N ILE B 246 -15.70 -7.72 -3.62
CA ILE B 246 -16.15 -8.17 -2.32
C ILE B 246 -17.30 -7.32 -1.90
N LYS B 247 -18.12 -7.92 -1.06
CA LYS B 247 -19.36 -7.29 -0.74
C LYS B 247 -19.26 -6.24 0.35
N PRO B 248 -18.54 -6.54 1.44
CA PRO B 248 -18.57 -5.59 2.53
C PRO B 248 -17.91 -4.28 2.13
N LYS B 249 -18.34 -3.21 2.80
N LYS B 249 -18.29 -3.21 2.84
CA LYS B 249 -17.73 -1.89 2.68
CA LYS B 249 -17.55 -1.96 2.82
C LYS B 249 -17.54 -1.47 1.23
C LYS B 249 -17.39 -1.47 1.40
N GLN B 250 -18.56 -1.66 0.39
N GLN B 250 -18.44 -1.67 0.61
CA GLN B 250 -18.51 -1.12 -0.95
CA GLN B 250 -18.47 -1.18 -0.77
C GLN B 250 -17.29 -1.66 -1.70
C GLN B 250 -17.26 -1.62 -1.60
N GLY B 251 -16.77 -2.81 -1.28
CA GLY B 251 -15.75 -3.47 -2.05
C GLY B 251 -14.35 -3.16 -1.55
N PHE B 252 -14.24 -2.28 -0.58
CA PHE B 252 -12.93 -1.94 -0.02
C PHE B 252 -12.49 -3.03 0.90
N GLY B 253 -11.22 -3.36 0.86
CA GLY B 253 -10.76 -4.42 1.69
C GLY B 253 -9.27 -4.46 1.73
N GLY B 254 -8.76 -5.29 2.63
CA GLY B 254 -7.33 -5.38 2.84
C GLY B 254 -6.74 -6.15 1.68
N LEU B 255 -5.58 -5.67 1.21
CA LEU B 255 -4.88 -6.31 0.13
C LEU B 255 -3.80 -7.16 0.72
N GLY B 256 -3.64 -8.36 0.18
CA GLY B 256 -2.51 -9.19 0.56
C GLY B 256 -1.89 -9.67 -0.72
N GLY B 257 -0.83 -10.46 -0.58
CA GLY B 257 -0.24 -11.11 -1.71
C GLY B 257 0.79 -10.25 -2.38
N ARG B 258 0.92 -10.42 -3.69
N ARG B 258 0.92 -10.40 -3.69
CA ARG B 258 1.99 -9.80 -4.44
CA ARG B 258 2.02 -9.77 -4.40
C ARG B 258 1.97 -8.29 -4.32
C ARG B 258 1.98 -8.27 -4.31
N TYR B 259 0.78 -7.72 -4.19
CA TYR B 259 0.64 -6.27 -4.01
C TYR B 259 1.48 -5.76 -2.87
N VAL B 260 1.66 -6.57 -1.84
CA VAL B 260 2.08 -6.00 -0.56
C VAL B 260 3.51 -6.32 -0.24
N LEU B 261 4.17 -7.06 -1.10
CA LEU B 261 5.48 -7.55 -0.70
C LEU B 261 6.47 -6.40 -0.39
N PRO B 262 6.59 -5.39 -1.27
CA PRO B 262 7.57 -4.36 -0.91
C PRO B 262 7.18 -3.61 0.34
N THR B 263 5.88 -3.43 0.54
CA THR B 263 5.42 -2.83 1.76
C THR B 263 5.79 -3.71 2.95
N ALA B 264 5.57 -5.01 2.80
CA ALA B 264 5.86 -5.90 3.88
C ALA B 264 7.38 -5.85 4.16
N LEU B 265 8.18 -5.96 3.12
CA LEU B 265 9.65 -5.91 3.28
C LEU B 265 10.05 -4.64 3.97
N ALA B 266 9.42 -3.53 3.58
CA ALA B 266 9.74 -2.21 4.14
C ALA B 266 9.45 -2.25 5.61
N ASN B 267 8.30 -2.80 5.97
CA ASN B 267 7.94 -2.77 7.35
C ASN B 267 8.78 -3.72 8.15
N ILE B 268 8.99 -4.89 7.58
CA ILE B 268 9.82 -5.86 8.25
C ILE B 268 11.14 -5.19 8.52
N ASN B 269 11.70 -4.59 7.49
CA ASN B 269 13.03 -4.08 7.66
C ASN B 269 13.04 -2.86 8.56
N ALA B 270 12.01 -2.04 8.45
CA ALA B 270 11.94 -0.85 9.26
C ALA B 270 11.92 -1.20 10.73
N PHE B 271 11.09 -2.18 11.09
CA PHE B 271 11.04 -2.54 12.48
C PHE B 271 12.25 -3.35 12.86
N TYR B 272 12.76 -4.13 11.92
CA TYR B 272 13.97 -4.88 12.19
C TYR B 272 15.04 -3.89 12.62
N ARG B 273 15.11 -2.77 11.90
CA ARG B 273 16.13 -1.79 12.22
C ARG B 273 15.80 -1.07 13.51
N ARG B 274 14.53 -0.74 13.71
CA ARG B 274 14.20 0.14 14.81
C ARG B 274 13.93 -0.58 16.09
N CYS B 275 13.76 -1.89 16.00
CA CYS B 275 13.45 -2.68 17.19
C CYS B 275 14.48 -3.79 17.26
N PRO B 276 15.75 -3.40 17.44
CA PRO B 276 16.83 -4.37 17.33
C PRO B 276 16.75 -5.43 18.42
N GLY B 277 15.97 -5.17 19.45
CA GLY B 277 15.87 -6.13 20.52
C GLY B 277 14.75 -7.13 20.31
N LYS B 278 13.99 -6.96 19.24
CA LYS B 278 12.80 -7.76 19.05
C LYS B 278 12.92 -8.57 17.80
N LEU B 279 12.07 -9.58 17.70
CA LEU B 279 12.06 -10.40 16.52
C LEU B 279 11.03 -9.79 15.61
N ILE B 280 11.26 -9.93 14.33
CA ILE B 280 10.29 -9.48 13.36
C ILE B 280 9.77 -10.72 12.68
N PHE B 281 8.44 -10.84 12.57
CA PHE B 281 7.90 -11.90 11.76
C PHE B 281 7.42 -11.23 10.50
N GLY B 282 7.79 -11.78 9.37
CA GLY B 282 7.38 -11.21 8.13
C GLY B 282 6.04 -11.78 7.74
N CYS B 283 5.26 -10.97 7.07
CA CYS B 283 3.97 -11.40 6.60
C CYS B 283 3.63 -10.46 5.49
N GLY B 284 3.39 -11.01 4.32
CA GLY B 284 2.98 -10.20 3.22
C GLY B 284 3.68 -10.60 1.97
N GLY B 285 2.92 -11.13 1.04
CA GLY B 285 3.44 -11.33 -0.30
C GLY B 285 4.36 -12.51 -0.46
N VAL B 286 4.33 -13.43 0.46
CA VAL B 286 5.16 -14.63 0.31
C VAL B 286 4.42 -15.67 -0.47
N TYR B 287 4.93 -15.98 -1.65
CA TYR B 287 4.41 -17.07 -2.45
C TYR B 287 5.49 -18.11 -2.66
N THR B 288 6.73 -17.70 -2.53
CA THR B 288 7.83 -18.61 -2.89
C THR B 288 8.88 -18.53 -1.83
N GLY B 289 9.79 -19.50 -1.86
CA GLY B 289 10.90 -19.49 -0.95
C GLY B 289 11.73 -18.26 -1.20
N GLU B 290 11.77 -17.80 -2.44
CA GLU B 290 12.50 -16.59 -2.76
C GLU B 290 11.87 -15.40 -2.05
N ASP B 291 10.55 -15.33 -2.05
CA ASP B 291 9.91 -14.23 -1.31
C ASP B 291 10.27 -14.31 0.15
N ALA B 292 10.28 -15.53 0.68
CA ALA B 292 10.58 -15.72 2.08
C ALA B 292 12.01 -15.31 2.36
N PHE B 293 12.88 -15.66 1.42
CA PHE B 293 14.26 -15.23 1.46
C PHE B 293 14.33 -13.72 1.58
N LEU B 294 13.52 -13.01 0.78
CA LEU B 294 13.46 -11.56 0.92
C LEU B 294 13.00 -11.14 2.30
N HIS B 295 11.95 -11.78 2.79
CA HIS B 295 11.49 -11.44 4.13
C HIS B 295 12.61 -11.59 5.13
N VAL B 296 13.34 -12.69 5.02
CA VAL B 296 14.37 -12.94 6.02
C VAL B 296 15.51 -11.94 5.82
N LEU B 297 15.86 -11.68 4.57
CA LEU B 297 16.89 -10.68 4.30
C LEU B 297 16.50 -9.35 4.90
N ALA B 298 15.19 -9.05 4.89
CA ALA B 298 14.73 -7.77 5.39
C ALA B 298 14.75 -7.79 6.91
N GLY B 299 14.77 -8.99 7.49
CA GLY B 299 14.85 -9.08 8.93
C GLY B 299 13.94 -10.09 9.58
N ALA B 300 13.13 -10.79 8.79
CA ALA B 300 12.13 -11.68 9.35
C ALA B 300 12.77 -12.88 9.99
N SER B 301 12.26 -13.22 11.17
CA SER B 301 12.58 -14.46 11.84
C SER B 301 11.59 -15.54 11.43
N MET B 302 10.31 -15.25 11.52
CA MET B 302 9.30 -16.18 11.03
C MET B 302 8.73 -15.51 9.81
N VAL B 303 8.16 -16.31 8.93
CA VAL B 303 7.63 -15.78 7.68
C VAL B 303 6.23 -16.33 7.56
N GLN B 304 5.26 -15.44 7.55
CA GLN B 304 3.89 -15.88 7.55
C GLN B 304 3.37 -15.80 6.14
N VAL B 305 2.43 -16.68 5.84
CA VAL B 305 1.98 -16.84 4.50
C VAL B 305 0.48 -16.78 4.57
N GLY B 306 -0.08 -15.80 3.89
CA GLY B 306 -1.50 -15.58 3.94
C GLY B 306 -2.13 -15.96 2.64
N THR B 307 -2.23 -14.99 1.75
CA THR B 307 -2.88 -15.16 0.49
C THR B 307 -2.43 -16.41 -0.25
N ALA B 308 -1.10 -16.62 -0.33
CA ALA B 308 -0.62 -17.75 -1.09
C ALA B 308 -1.11 -19.05 -0.47
N LEU B 309 -1.15 -19.08 0.85
CA LEU B 309 -1.63 -20.24 1.59
C LEU B 309 -3.12 -20.39 1.37
N GLN B 310 -3.84 -19.28 1.36
CA GLN B 310 -5.26 -19.35 1.09
C GLN B 310 -5.50 -19.99 -0.26
N GLU B 311 -4.63 -19.70 -1.21
N GLU B 311 -4.65 -19.67 -1.23
CA GLU B 311 -4.84 -20.14 -2.58
CA GLU B 311 -4.85 -20.14 -2.59
C GLU B 311 -4.30 -21.53 -2.87
C GLU B 311 -4.42 -21.59 -2.75
N GLU B 312 -3.39 -21.98 -2.03
CA GLU B 312 -2.71 -23.24 -2.30
C GLU B 312 -3.02 -24.28 -1.25
N GLY B 313 -3.44 -23.84 -0.07
CA GLY B 313 -3.59 -24.75 1.04
C GLY B 313 -2.26 -25.12 1.66
N PRO B 314 -2.33 -25.90 2.74
CA PRO B 314 -1.20 -26.08 3.62
C PRO B 314 -0.04 -26.84 3.01
N SER B 315 -0.24 -27.47 1.85
CA SER B 315 0.88 -28.14 1.21
C SER B 315 1.91 -27.10 0.77
N ILE B 316 1.49 -25.85 0.71
CA ILE B 316 2.41 -24.79 0.31
C ILE B 316 3.66 -24.81 1.19
N PHE B 317 3.53 -25.23 2.44
CA PHE B 317 4.69 -25.18 3.32
C PHE B 317 5.81 -26.11 2.93
N GLU B 318 5.46 -27.26 2.36
CA GLU B 318 6.47 -28.17 1.83
C GLU B 318 7.19 -27.50 0.68
N ARG B 319 6.43 -26.81 -0.16
CA ARG B 319 7.01 -26.17 -1.30
C ARG B 319 7.86 -24.98 -0.86
N LEU B 320 7.38 -24.21 0.11
CA LEU B 320 8.12 -23.04 0.59
C LEU B 320 9.41 -23.45 1.28
N THR B 321 9.35 -24.48 2.12
CA THR B 321 10.56 -24.90 2.82
C THR B 321 11.57 -25.36 1.80
N SER B 322 11.10 -26.17 0.85
CA SER B 322 11.96 -26.70 -0.17
C SER B 322 12.52 -25.56 -1.01
N GLU B 323 11.69 -24.59 -1.35
CA GLU B 323 12.15 -23.49 -2.18
C GLU B 323 13.15 -22.64 -1.44
N LEU B 324 12.88 -22.38 -0.17
CA LEU B 324 13.75 -21.50 0.56
C LEU B 324 15.08 -22.21 0.72
N LEU B 325 15.02 -23.52 0.96
CA LEU B 325 16.23 -24.29 1.05
C LEU B 325 16.99 -24.22 -0.27
N GLY B 326 16.25 -24.33 -1.37
CA GLY B 326 16.86 -24.24 -2.69
C GLY B 326 17.53 -22.89 -2.87
N VAL B 327 16.83 -21.82 -2.50
CA VAL B 327 17.39 -20.49 -2.58
C VAL B 327 18.64 -20.38 -1.74
N MET B 328 18.57 -20.90 -0.52
CA MET B 328 19.70 -20.82 0.36
C MET B 328 20.87 -21.60 -0.19
N ALA B 329 20.58 -22.75 -0.79
CA ALA B 329 21.65 -23.58 -1.34
C ALA B 329 22.29 -22.85 -2.52
N LYS B 330 21.48 -22.26 -3.39
CA LYS B 330 22.04 -21.50 -4.52
C LYS B 330 22.91 -20.35 -4.06
N LYS B 331 22.56 -19.77 -2.92
CA LYS B 331 23.24 -18.58 -2.43
C LYS B 331 24.27 -18.94 -1.39
N ARG B 332 24.40 -20.24 -1.14
CA ARG B 332 25.40 -20.73 -0.20
C ARG B 332 25.17 -20.22 1.20
N TYR B 333 23.93 -20.34 1.66
CA TYR B 333 23.61 -20.08 3.03
C TYR B 333 23.22 -21.38 3.66
N GLN B 334 23.56 -21.54 4.93
CA GLN B 334 23.19 -22.77 5.58
C GLN B 334 22.12 -22.52 6.61
N THR B 335 22.08 -21.31 7.13
CA THR B 335 21.12 -21.00 8.16
C THR B 335 20.51 -19.65 7.85
N LEU B 336 19.34 -19.40 8.44
CA LEU B 336 18.67 -18.14 8.24
C LEU B 336 19.44 -17.02 8.91
N ASP B 337 20.08 -17.32 10.04
CA ASP B 337 20.89 -16.35 10.77
C ASP B 337 21.92 -15.70 9.86
N GLU B 338 22.34 -16.44 8.85
CA GLU B 338 23.44 -16.00 8.01
C GLU B 338 23.07 -14.82 7.13
N PHE B 339 21.79 -14.67 6.83
CA PHE B 339 21.41 -13.54 6.02
C PHE B 339 20.23 -12.75 6.58
N ARG B 340 19.65 -13.20 7.69
CA ARG B 340 18.53 -12.45 8.24
C ARG B 340 18.94 -11.00 8.48
N GLY B 341 18.17 -10.09 7.92
CA GLY B 341 18.37 -8.68 8.21
C GLY B 341 19.53 -8.11 7.44
N LYS B 342 20.17 -8.93 6.60
CA LYS B 342 21.40 -8.51 5.95
C LYS B 342 21.21 -7.89 4.60
N VAL B 343 19.99 -7.45 4.30
CA VAL B 343 19.76 -6.83 3.01
C VAL B 343 20.77 -5.71 2.86
N ARG B 344 21.43 -5.65 1.72
CA ARG B 344 22.44 -4.66 1.49
C ARG B 344 21.78 -3.37 0.99
N THR B 345 22.16 -2.25 1.58
CA THR B 345 21.70 -0.98 1.06
C THR B 345 22.80 -0.38 0.17
N LEU B 346 22.45 0.61 -0.61
CA LEU B 346 23.40 1.14 -1.57
C LEU B 346 23.91 2.47 -1.10
N ASP B 347 23.47 2.89 0.08
CA ASP B 347 23.91 4.15 0.64
C ASP B 347 24.73 3.93 1.90
N1 FMN C . 4.21 12.45 -7.79
C2 FMN C . 4.06 13.79 -7.69
O2 FMN C . 2.99 14.22 -7.29
N3 FMN C . 5.09 14.67 -8.02
C4 FMN C . 6.31 14.16 -8.44
O4 FMN C . 7.21 14.95 -8.77
C4A FMN C . 6.46 12.78 -8.54
N5 FMN C . 7.62 12.26 -8.97
C5A FMN C . 7.65 10.98 -9.35
C6 FMN C . 8.76 10.50 -10.05
C7 FMN C . 8.79 9.17 -10.44
C7M FMN C . 9.91 8.68 -11.16
C8 FMN C . 7.70 8.33 -10.16
C8M FMN C . 7.69 6.97 -10.56
C9 FMN C . 6.58 8.82 -9.47
C9A FMN C . 6.57 10.13 -9.04
N10 FMN C . 5.50 10.63 -8.39
C10 FMN C . 5.40 11.95 -8.24
C1' FMN C . 4.29 9.80 -8.12
C2' FMN C . 3.50 9.65 -9.45
O2' FMN C . 2.94 10.92 -9.80
C3' FMN C . 2.32 8.71 -9.22
O3' FMN C . 1.54 9.25 -8.14
C4' FMN C . 2.79 7.32 -8.77
O4' FMN C . 3.89 6.89 -9.56
C5' FMN C . 1.61 6.34 -8.99
O5' FMN C . 1.35 6.25 -10.40
P FMN C . 1.81 5.00 -11.24
O1P FMN C . 1.30 3.83 -10.56
O2P FMN C . 3.30 5.12 -11.16
O3P FMN C . 1.23 5.30 -12.57
C1 GOL D . 10.89 -7.29 -6.33
O1 GOL D . 10.67 -7.81 -7.66
C2 GOL D . 10.50 -8.28 -5.26
O2 GOL D . 9.22 -8.80 -5.60
C3 GOL D . 10.24 -7.48 -3.98
O3 GOL D . 11.47 -6.99 -3.49
S SO4 E . 13.94 -7.01 -8.74
O1 SO4 E . 14.91 -8.13 -8.83
O2 SO4 E . 13.41 -6.98 -7.36
O3 SO4 E . 14.62 -5.73 -9.04
O4 SO4 E . 12.84 -7.24 -9.68
N1 FMN F . -4.55 -10.76 9.83
C2 FMN F . -4.66 -10.91 11.18
O2 FMN F . -3.79 -10.45 11.90
N3 FMN F . -5.73 -11.57 11.72
C4 FMN F . -6.70 -12.13 10.88
O4 FMN F . -7.62 -12.75 11.39
C4A FMN F . -6.58 -11.97 9.51
N5 FMN F . -7.49 -12.49 8.70
C5A FMN F . -7.23 -12.54 7.39
C6 FMN F . -8.04 -13.30 6.59
C7 FMN F . -7.74 -13.42 5.24
C7M FMN F . -8.60 -14.20 4.41
C8 FMN F . -6.63 -12.77 4.69
C8M FMN F . -6.35 -12.88 3.29
C9 FMN F . -5.80 -12.00 5.51
C9A FMN F . -6.09 -11.88 6.86
N10 FMN F . -5.30 -11.18 7.67
C10 FMN F . -5.48 -11.28 8.98
C1' FMN F . -4.03 -10.58 7.14
C2' FMN F . -2.99 -11.70 6.94
O2' FMN F . -2.63 -12.19 8.21
C3' FMN F . -1.73 -11.08 6.35
O3' FMN F . -1.31 -10.04 7.25
C4' FMN F . -2.06 -10.42 4.99
O4' FMN F . -2.88 -11.29 4.19
C5' FMN F . -0.75 -10.21 4.23
O5' FMN F . -0.18 -11.49 4.00
P FMN F . -0.21 -12.18 2.58
O1P FMN F . 0.36 -11.23 1.61
O2P FMN F . -1.68 -12.37 2.30
O3P FMN F . 0.57 -13.42 2.75
C1 GOL G . -7.68 -6.52 -10.16
O1 GOL G . -7.36 -7.66 -10.96
C2 GOL G . -7.60 -5.22 -10.95
O2 GOL G . -6.27 -5.14 -11.48
C3 GOL G . -7.78 -4.01 -10.05
O3 GOL G . -9.15 -3.86 -9.64
S SO4 H . -10.58 -9.81 -10.93
O1 SO4 H . -11.58 -10.15 -11.96
O2 SO4 H . -11.16 -10.05 -9.59
O3 SO4 H . -9.37 -10.65 -11.12
O4 SO4 H . -10.19 -8.38 -11.06
#